data_2QJO
#
_entry.id   2QJO
#
_cell.length_a   201.540
_cell.length_b   201.540
_cell.length_c   98.695
_cell.angle_alpha   90.00
_cell.angle_beta   90.00
_cell.angle_gamma   120.00
#
_symmetry.space_group_name_H-M   'P 32 2 1'
#
loop_
_entity.id
_entity.type
_entity.pdbx_description
1 polymer 'Bifunctional NMN adenylyltransferase/Nudix hydrolase'
2 non-polymer 'SULFATE ION'
3 non-polymer ADENOSINE-5-DIPHOSPHORIBOSE
4 non-polymer NICOTINAMIDE-ADENINE-DINUCLEOTIDE
5 non-polymer 'PYROPHOSPHATE 2-'
6 water water
#
_entity_poly.entity_id   1
_entity_poly.type   'polypeptide(L)'
_entity_poly.pdbx_seq_one_letter_code
;DPMQTKYQYGIYIGRFQPFHLGHLRTLNLALEKAEQVIIILGSHRVAADTRNPWRSPERMAMIEACLSPQILKRVHFLTV
RDWLYSDNLWLAAVQQQVLKITGGSNSVVVLGHRKDASSYYLNLFPQWDYLETGHYPDFSSTAIRGAYFEGKEGDYLDKV
PPAIADYLQTFQKSERYIALCDEYQFLQAYKQAWATAPYAPTFITTDAVVVQAGHVLMVRRQAKPGLGLIALPGGFIKQN
ETLVEGMLRELKEETRLKVPLPVLRGSIVDSHVFDAPGRSLRGRTITHAYFIQLPGGELPAVKGGDDAQKAWWMSLADLY
AQEEQIYEDHFQIIQHFVSKV
;
_entity_poly.pdbx_strand_id   A,B,C
#
# COMPACT_ATOMS: atom_id res chain seq x y z
N ASP A 1 -35.60 35.98 -13.48
CA ASP A 1 -36.44 35.74 -12.26
C ASP A 1 -35.62 36.04 -11.03
N PRO A 2 -36.16 36.90 -10.14
CA PRO A 2 -35.45 37.30 -8.95
C PRO A 2 -35.28 36.11 -8.04
N MET A 3 -34.04 35.84 -7.66
CA MET A 3 -33.75 34.80 -6.71
C MET A 3 -33.97 35.32 -5.31
N GLN A 4 -34.41 34.46 -4.41
CA GLN A 4 -34.52 34.83 -3.00
C GLN A 4 -33.20 34.68 -2.26
N THR A 5 -32.20 34.04 -2.88
CA THR A 5 -30.93 33.71 -2.20
C THR A 5 -29.79 34.27 -3.00
N LYS A 6 -28.60 34.33 -2.42
CA LYS A 6 -27.42 34.78 -3.15
C LYS A 6 -27.03 33.79 -4.25
N TYR A 7 -26.98 32.49 -3.92
CA TYR A 7 -26.52 31.49 -4.87
C TYR A 7 -27.59 30.48 -5.25
N GLN A 8 -27.36 29.78 -6.36
CA GLN A 8 -28.19 28.64 -6.72
C GLN A 8 -27.86 27.43 -5.84
N TYR A 9 -26.59 27.27 -5.45
CA TYR A 9 -26.19 26.03 -4.81
C TYR A 9 -25.26 26.27 -3.70
N GLY A 10 -25.45 25.54 -2.59
CA GLY A 10 -24.58 25.63 -1.48
C GLY A 10 -24.08 24.24 -1.13
N ILE A 11 -22.77 24.15 -0.88
CA ILE A 11 -22.16 22.86 -0.65
C ILE A 11 -21.67 22.79 0.78
N TYR A 12 -22.08 21.77 1.50
CA TYR A 12 -21.60 21.64 2.87
C TYR A 12 -20.99 20.24 3.02
N ILE A 13 -19.67 20.20 3.22
CA ILE A 13 -18.92 18.96 3.27
C ILE A 13 -18.66 18.59 4.72
N GLY A 14 -18.88 17.32 5.05
CA GLY A 14 -18.37 16.79 6.32
C GLY A 14 -18.44 15.29 6.49
N ARG A 15 -17.93 14.85 7.63
CA ARG A 15 -18.09 13.50 8.13
C ARG A 15 -19.41 13.36 8.92
N PHE A 16 -19.77 14.41 9.67
CA PHE A 16 -20.97 14.44 10.52
C PHE A 16 -21.08 13.21 11.41
N GLN A 17 -20.21 13.15 12.41
CA GLN A 17 -19.92 11.89 13.08
C GLN A 17 -19.91 12.12 14.63
N PRO A 18 -21.09 12.49 15.20
CA PRO A 18 -22.40 12.66 14.55
C PRO A 18 -22.72 14.11 14.21
N PHE A 19 -23.79 14.30 13.46
CA PHE A 19 -24.34 15.60 13.16
C PHE A 19 -24.68 16.27 14.50
N HIS A 20 -24.09 17.42 14.78
CA HIS A 20 -24.41 18.14 16.01
C HIS A 20 -24.97 19.54 15.70
N LEU A 21 -25.14 20.38 16.74
CA LEU A 21 -25.90 21.62 16.58
C LEU A 21 -25.10 22.68 15.83
N GLY A 22 -23.76 22.63 15.95
CA GLY A 22 -22.90 23.41 15.08
C GLY A 22 -23.16 23.15 13.58
N HIS A 23 -23.20 21.87 13.20
CA HIS A 23 -23.45 21.49 11.82
C HIS A 23 -24.79 22.00 11.35
N LEU A 24 -25.80 21.91 12.24
CA LEU A 24 -27.14 22.36 11.89
C LEU A 24 -27.16 23.86 11.70
N ARG A 25 -26.37 24.57 12.46
CA ARG A 25 -26.31 26.02 12.29
C ARG A 25 -25.76 26.36 10.89
N THR A 26 -24.65 25.71 10.52
CA THR A 26 -24.12 25.93 9.16
C THR A 26 -25.12 25.47 8.08
N LEU A 27 -25.71 24.30 8.26
CA LEU A 27 -26.74 23.82 7.35
C LEU A 27 -27.85 24.84 7.17
N ASN A 28 -28.28 25.47 8.27
CA ASN A 28 -29.31 26.52 8.21
C ASN A 28 -28.85 27.75 7.49
N LEU A 29 -27.61 28.16 7.74
CA LEU A 29 -26.98 29.23 6.99
C LEU A 29 -26.96 28.91 5.49
N ALA A 30 -26.60 27.66 5.14
CA ALA A 30 -26.59 27.28 3.73
C ALA A 30 -27.95 27.39 3.12
N LEU A 31 -29.00 27.07 3.89
CA LEU A 31 -30.40 27.16 3.38
C LEU A 31 -30.88 28.61 3.17
N GLU A 32 -30.26 29.55 3.88
CA GLU A 32 -30.47 30.94 3.64
C GLU A 32 -29.68 31.43 2.45
N LYS A 33 -28.51 30.84 2.18
CA LYS A 33 -27.64 31.39 1.13
C LYS A 33 -27.84 30.84 -0.28
N ALA A 34 -28.56 29.73 -0.40
CA ALA A 34 -28.69 29.04 -1.69
C ALA A 34 -30.03 28.38 -1.88
N GLU A 35 -30.53 28.35 -3.10
CA GLU A 35 -31.81 27.75 -3.35
C GLU A 35 -31.83 26.23 -3.08
N GLN A 36 -30.72 25.56 -3.35
CA GLN A 36 -30.59 24.12 -3.21
C GLN A 36 -29.31 23.90 -2.43
N VAL A 37 -29.35 22.97 -1.47
CA VAL A 37 -28.18 22.65 -0.66
C VAL A 37 -27.71 21.21 -0.86
N ILE A 38 -26.40 21.07 -0.97
CA ILE A 38 -25.77 19.79 -1.22
C ILE A 38 -24.96 19.39 -0.01
N ILE A 39 -25.40 18.34 0.65
CA ILE A 39 -24.59 17.81 1.72
C ILE A 39 -23.70 16.68 1.17
N ILE A 40 -22.39 16.84 1.35
CA ILE A 40 -21.43 15.82 0.96
C ILE A 40 -21.00 14.98 2.17
N LEU A 41 -21.40 13.72 2.13
CA LEU A 41 -21.03 12.77 3.16
C LEU A 41 -19.68 12.20 2.78
N GLY A 42 -18.64 12.71 3.44
CA GLY A 42 -17.31 12.19 3.25
C GLY A 42 -17.09 10.87 3.96
N SER A 43 -15.91 10.31 3.73
CA SER A 43 -15.55 9.02 4.28
C SER A 43 -16.58 7.92 3.96
N HIS A 44 -17.13 7.91 2.74
CA HIS A 44 -18.01 6.84 2.29
C HIS A 44 -17.21 5.56 2.27
N ARG A 45 -17.84 4.50 2.77
CA ARG A 45 -17.31 3.15 2.69
C ARG A 45 -16.02 2.98 3.46
N VAL A 46 -15.79 3.81 4.47
CA VAL A 46 -14.64 3.62 5.39
C VAL A 46 -15.04 2.65 6.51
N ALA A 47 -14.18 1.70 6.85
CA ALA A 47 -14.48 0.73 7.90
C ALA A 47 -14.89 1.45 9.17
N ALA A 48 -16.07 1.13 9.68
CA ALA A 48 -16.52 1.79 10.92
C ALA A 48 -15.44 1.71 12.01
N ASP A 49 -15.14 2.87 12.60
CA ASP A 49 -14.18 2.95 13.72
C ASP A 49 -14.57 4.05 14.72
N THR A 50 -13.75 4.30 15.73
CA THR A 50 -14.10 5.30 16.73
C THR A 50 -14.10 6.75 16.23
N ARG A 51 -13.47 7.02 15.09
CA ARG A 51 -13.51 8.36 14.49
C ARG A 51 -14.72 8.48 13.51
N ASN A 52 -15.09 7.35 12.90
CA ASN A 52 -16.21 7.26 11.93
C ASN A 52 -17.15 6.11 12.25
N PRO A 53 -17.95 6.25 13.30
CA PRO A 53 -18.82 5.17 13.81
C PRO A 53 -20.04 4.82 12.94
N TRP A 54 -20.56 5.81 12.22
CA TRP A 54 -21.78 5.63 11.41
C TRP A 54 -21.51 5.61 9.91
N ARG A 55 -22.13 4.69 9.19
CA ARG A 55 -21.99 4.57 7.75
C ARG A 55 -22.78 5.66 7.07
N SER A 56 -22.53 5.92 5.79
CA SER A 56 -23.25 7.03 5.17
C SER A 56 -24.78 6.94 5.11
N PRO A 57 -25.36 5.76 4.87
CA PRO A 57 -26.86 5.76 4.93
C PRO A 57 -27.40 6.05 6.33
N GLU A 58 -26.66 5.66 7.36
CA GLU A 58 -27.05 6.04 8.70
C GLU A 58 -26.93 7.55 8.93
N ARG A 59 -25.83 8.14 8.44
CA ARG A 59 -25.66 9.58 8.61
C ARG A 59 -26.70 10.35 7.83
N MET A 60 -27.08 9.85 6.66
CA MET A 60 -28.16 10.48 5.92
C MET A 60 -29.51 10.39 6.67
N ALA A 61 -29.86 9.20 7.15
CA ALA A 61 -31.05 9.02 8.03
C ALA A 61 -31.03 9.95 9.25
N MET A 62 -29.85 10.11 9.87
CA MET A 62 -29.73 10.99 11.03
C MET A 62 -30.04 12.41 10.66
N ILE A 63 -29.40 12.94 9.62
CA ILE A 63 -29.63 14.35 9.22
C ILE A 63 -31.07 14.55 8.71
N GLU A 64 -31.57 13.58 7.95
CA GLU A 64 -32.94 13.64 7.48
C GLU A 64 -33.92 13.82 8.64
N ALA A 65 -33.69 13.09 9.73
CA ALA A 65 -34.56 13.16 10.90
C ALA A 65 -34.59 14.55 11.60
N CYS A 66 -33.63 15.43 11.32
CA CYS A 66 -33.64 16.77 11.91
C CYS A 66 -34.39 17.79 11.05
N LEU A 67 -34.84 17.36 9.88
CA LEU A 67 -35.35 18.35 8.92
C LEU A 67 -36.79 18.05 8.48
N SER A 68 -37.59 19.11 8.29
CA SER A 68 -38.95 18.94 7.79
C SER A 68 -38.92 18.53 6.31
N PRO A 69 -39.92 17.75 5.84
CA PRO A 69 -39.97 17.30 4.44
C PRO A 69 -39.99 18.44 3.43
N GLN A 70 -40.43 19.64 3.83
CA GLN A 70 -40.39 20.79 2.94
C GLN A 70 -38.95 21.28 2.73
N ILE A 71 -38.15 21.22 3.78
CA ILE A 71 -36.76 21.58 3.70
C ILE A 71 -36.04 20.48 2.91
N LEU A 72 -36.39 19.22 3.16
CA LEU A 72 -35.73 18.11 2.48
C LEU A 72 -35.86 18.14 0.97
N LYS A 73 -36.88 18.80 0.45
CA LYS A 73 -37.01 19.00 -1.00
C LYS A 73 -35.87 19.86 -1.55
N ARG A 74 -35.21 20.63 -0.68
CA ARG A 74 -34.12 21.49 -1.07
C ARG A 74 -32.72 20.90 -0.75
N VAL A 75 -32.69 19.71 -0.17
CA VAL A 75 -31.43 19.17 0.28
C VAL A 75 -31.08 17.94 -0.55
N HIS A 76 -29.81 17.81 -0.93
CA HIS A 76 -29.41 16.64 -1.70
C HIS A 76 -28.23 16.03 -1.03
N PHE A 77 -28.26 14.71 -0.83
CA PHE A 77 -27.11 14.02 -0.20
C PHE A 77 -26.17 13.34 -1.20
N LEU A 78 -24.86 13.52 -1.04
CA LEU A 78 -23.91 12.86 -1.93
C LEU A 78 -22.82 12.19 -1.13
N THR A 79 -22.37 11.03 -1.58
CA THR A 79 -21.31 10.36 -0.85
C THR A 79 -20.03 10.34 -1.67
N VAL A 80 -18.90 10.27 -0.96
CA VAL A 80 -17.61 10.28 -1.56
C VAL A 80 -16.65 9.56 -0.67
N ARG A 81 -15.85 8.70 -1.30
CA ARG A 81 -14.81 7.92 -0.62
C ARG A 81 -13.70 8.79 -0.10
N ASP A 82 -12.88 8.24 0.79
CA ASP A 82 -11.61 8.84 1.14
C ASP A 82 -10.50 8.21 0.24
N TRP A 83 -9.50 8.99 -0.15
CA TRP A 83 -8.32 8.44 -0.78
C TRP A 83 -7.17 9.17 -0.13
N LEU A 84 -6.74 8.63 1.00
CA LEU A 84 -5.89 9.38 1.92
C LEU A 84 -4.63 9.98 1.29
N TYR A 85 -4.07 9.33 0.26
CA TYR A 85 -2.84 9.89 -0.30
C TYR A 85 -3.06 10.52 -1.65
N SER A 86 -4.31 10.79 -2.00
CA SER A 86 -4.55 11.37 -3.28
C SER A 86 -5.63 12.48 -3.28
N ASP A 87 -5.24 13.71 -2.96
CA ASP A 87 -6.24 14.77 -2.89
C ASP A 87 -6.88 15.11 -4.22
N ASN A 88 -6.08 15.05 -5.29
CA ASN A 88 -6.57 15.33 -6.63
C ASN A 88 -7.71 14.42 -7.01
N LEU A 89 -7.57 13.15 -6.67
CA LEU A 89 -8.62 12.16 -6.91
C LEU A 89 -9.91 12.55 -6.18
N TRP A 90 -9.76 12.85 -4.89
CA TRP A 90 -10.88 13.27 -4.10
C TRP A 90 -11.53 14.55 -4.65
N LEU A 91 -10.73 15.59 -4.88
CA LEU A 91 -11.26 16.82 -5.50
C LEU A 91 -12.11 16.54 -6.73
N ALA A 92 -11.61 15.71 -7.66
CA ALA A 92 -12.38 15.34 -8.82
C ALA A 92 -13.70 14.63 -8.48
N ALA A 93 -13.69 13.73 -7.51
CA ALA A 93 -14.91 13.00 -7.13
C ALA A 93 -15.98 13.96 -6.60
N VAL A 94 -15.55 14.92 -5.78
CA VAL A 94 -16.47 15.87 -5.23
C VAL A 94 -17.09 16.64 -6.37
N GLN A 95 -16.22 17.17 -7.25
CA GLN A 95 -16.71 17.89 -8.44
C GLN A 95 -17.67 17.05 -9.22
N GLN A 96 -17.32 15.82 -9.53
CA GLN A 96 -18.23 15.05 -10.38
C GLN A 96 -19.59 14.82 -9.69
N GLN A 97 -19.57 14.50 -8.40
CA GLN A 97 -20.79 14.26 -7.65
C GLN A 97 -21.67 15.52 -7.64
N VAL A 98 -21.05 16.72 -7.49
CA VAL A 98 -21.79 17.98 -7.35
C VAL A 98 -22.48 18.29 -8.66
N LEU A 99 -21.80 17.92 -9.73
CA LEU A 99 -22.28 18.21 -11.07
C LEU A 99 -23.59 17.49 -11.40
N LYS A 100 -23.82 16.33 -10.81
CA LYS A 100 -25.12 15.66 -10.97
C LYS A 100 -26.28 16.58 -10.55
N ILE A 101 -26.04 17.43 -9.54
CA ILE A 101 -27.07 18.31 -9.00
C ILE A 101 -27.06 19.69 -9.67
N THR A 102 -25.84 20.18 -9.91
CA THR A 102 -25.56 21.53 -10.33
C THR A 102 -25.86 21.82 -11.81
N GLY A 103 -25.82 20.77 -12.64
CA GLY A 103 -26.01 20.92 -14.06
C GLY A 103 -24.95 21.79 -14.70
N GLY A 104 -23.88 22.04 -13.96
CA GLY A 104 -22.83 22.91 -14.38
C GLY A 104 -22.91 24.37 -13.92
N SER A 105 -23.97 24.75 -13.20
CA SER A 105 -24.09 26.12 -12.71
C SER A 105 -22.79 26.66 -12.14
N ASN A 106 -22.57 27.96 -12.32
CA ASN A 106 -21.38 28.56 -11.73
C ASN A 106 -21.72 29.31 -10.41
N SER A 107 -23.00 29.26 -10.04
CA SER A 107 -23.53 29.97 -8.90
C SER A 107 -23.54 29.01 -7.72
N VAL A 108 -22.38 28.87 -7.08
CA VAL A 108 -22.13 27.78 -6.19
C VAL A 108 -21.24 28.29 -5.09
N VAL A 109 -21.57 27.96 -3.85
CA VAL A 109 -20.79 28.41 -2.72
C VAL A 109 -20.57 27.22 -1.77
N VAL A 110 -19.39 27.14 -1.17
CA VAL A 110 -19.06 26.10 -0.24
C VAL A 110 -19.04 26.77 1.13
N LEU A 111 -19.81 26.22 2.05
CA LEU A 111 -19.85 26.75 3.41
C LEU A 111 -19.04 25.85 4.33
N GLY A 112 -18.26 26.44 5.21
CA GLY A 112 -17.64 25.65 6.25
C GLY A 112 -16.87 26.52 7.19
N HIS A 113 -16.02 25.89 7.99
CA HIS A 113 -15.18 26.60 8.90
C HIS A 113 -13.80 25.96 8.90
N ARG A 114 -12.75 26.76 8.74
CA ARG A 114 -11.39 26.25 8.80
C ARG A 114 -11.00 25.97 10.25
N LYS A 115 -11.45 24.81 10.74
CA LYS A 115 -11.28 24.42 12.14
C LYS A 115 -9.83 24.10 12.49
N ASP A 116 -9.19 23.19 11.75
CA ASP A 116 -7.86 22.72 12.08
C ASP A 116 -7.14 22.20 10.83
N ALA A 117 -6.02 21.50 11.00
CA ALA A 117 -5.23 21.00 9.87
C ALA A 117 -6.06 20.21 8.86
N SER A 118 -7.07 19.50 9.33
CA SER A 118 -7.86 18.64 8.47
C SER A 118 -8.85 19.44 7.61
N SER A 119 -8.89 20.75 7.78
CA SER A 119 -9.80 21.59 7.02
C SER A 119 -9.14 22.25 5.80
N TYR A 120 -7.90 21.87 5.50
CA TYR A 120 -7.13 22.49 4.42
C TYR A 120 -7.90 22.46 3.11
N TYR A 121 -8.76 21.45 2.94
CA TYR A 121 -9.42 21.21 1.66
C TYR A 121 -10.34 22.34 1.31
N LEU A 122 -10.74 23.12 2.32
CA LEU A 122 -11.67 24.24 2.09
C LEU A 122 -11.12 25.30 1.13
N ASN A 123 -9.81 25.41 0.98
CA ASN A 123 -9.36 26.29 -0.07
C ASN A 123 -8.98 25.64 -1.41
N LEU A 124 -9.49 24.44 -1.70
CA LEU A 124 -9.10 23.76 -2.94
C LEU A 124 -10.20 23.74 -4.00
N PHE A 125 -11.25 24.53 -3.77
CA PHE A 125 -12.30 24.72 -4.74
C PHE A 125 -12.41 26.20 -5.24
N PRO A 126 -11.35 26.70 -5.91
CA PRO A 126 -11.38 28.10 -6.36
C PRO A 126 -12.45 28.37 -7.43
N GLN A 127 -12.96 27.33 -8.07
CA GLN A 127 -14.05 27.53 -9.05
C GLN A 127 -15.38 27.90 -8.35
N TRP A 128 -15.42 27.78 -7.02
CA TRP A 128 -16.63 28.07 -6.24
C TRP A 128 -16.33 29.10 -5.17
N ASP A 129 -17.33 29.86 -4.73
CA ASP A 129 -17.09 30.81 -3.61
C ASP A 129 -16.88 30.04 -2.31
N TYR A 130 -16.22 30.66 -1.35
CA TYR A 130 -16.10 30.07 -0.03
C TYR A 130 -16.67 31.03 1.00
N LEU A 131 -17.46 30.48 1.92
CA LEU A 131 -18.06 31.27 2.99
C LEU A 131 -17.61 30.71 4.34
N GLU A 132 -16.66 31.41 4.96
CA GLU A 132 -16.17 31.04 6.26
C GLU A 132 -17.26 31.43 7.29
N THR A 133 -17.61 30.50 8.17
CA THR A 133 -18.65 30.77 9.17
C THR A 133 -18.09 31.19 10.51
N GLY A 134 -16.80 31.02 10.73
CA GLY A 134 -16.24 31.20 12.06
C GLY A 134 -16.49 29.98 12.91
N HIS A 135 -15.87 29.94 14.08
CA HIS A 135 -16.03 28.83 15.01
C HIS A 135 -17.28 28.99 15.90
N TYR A 136 -18.04 27.90 16.08
CA TYR A 136 -19.07 27.86 17.13
C TYR A 136 -18.56 27.12 18.36
N PRO A 137 -18.43 27.82 19.50
CA PRO A 137 -17.97 27.09 20.71
C PRO A 137 -19.15 26.45 21.48
N ASP A 138 -18.82 25.47 22.26
CA ASP A 138 -17.89 24.58 21.70
C ASP A 138 -18.73 23.40 21.35
N PHE A 139 -18.78 23.17 20.08
CA PHE A 139 -19.35 21.96 19.58
C PHE A 139 -18.19 21.18 18.99
N SER A 140 -17.98 19.97 19.50
CA SER A 140 -16.88 19.13 19.03
C SER A 140 -17.31 17.70 18.90
N SER A 141 -17.30 17.21 17.65
CA SER A 141 -17.64 15.82 17.39
C SER A 141 -16.71 14.86 18.12
N THR A 142 -15.46 15.25 18.31
CA THR A 142 -14.54 14.40 19.08
C THR A 142 -15.02 14.28 20.53
N ALA A 143 -15.43 15.41 21.10
CA ALA A 143 -15.88 15.46 22.49
C ALA A 143 -17.18 14.68 22.60
N ILE A 144 -18.08 14.91 21.65
CA ILE A 144 -19.35 14.18 21.64
C ILE A 144 -19.11 12.69 21.46
N ARG A 145 -18.21 12.28 20.57
CA ARG A 145 -17.91 10.84 20.43
C ARG A 145 -17.33 10.28 21.74
N GLY A 146 -16.38 11.02 22.32
CA GLY A 146 -15.84 10.68 23.63
C GLY A 146 -16.90 10.49 24.70
N ALA A 147 -17.75 11.49 24.88
CA ALA A 147 -18.80 11.41 25.91
C ALA A 147 -19.70 10.20 25.68
N TYR A 148 -19.96 9.89 24.42
CA TYR A 148 -20.90 8.87 24.06
C TYR A 148 -20.35 7.48 24.31
N PHE A 149 -19.09 7.26 24.00
CA PHE A 149 -18.49 5.95 24.22
C PHE A 149 -18.10 5.77 25.69
N GLU A 150 -17.97 6.88 26.42
CA GLU A 150 -17.68 6.86 27.84
C GLU A 150 -18.96 6.80 28.71
N GLY A 151 -20.12 7.03 28.09
CA GLY A 151 -21.43 6.88 28.75
C GLY A 151 -21.84 8.11 29.54
N LYS A 152 -21.15 9.23 29.30
CA LYS A 152 -21.43 10.49 29.97
C LYS A 152 -22.44 11.33 29.19
N GLU A 153 -23.72 11.04 29.39
CA GLU A 153 -24.80 11.64 28.60
C GLU A 153 -24.96 13.14 28.79
N GLY A 154 -24.53 13.65 29.93
CA GLY A 154 -24.68 15.07 30.22
C GLY A 154 -23.81 15.91 29.32
N ASP A 155 -22.72 15.31 28.83
CA ASP A 155 -21.74 16.01 28.01
C ASP A 155 -22.10 16.10 26.52
N TYR A 156 -23.14 15.42 26.06
CA TYR A 156 -23.50 15.51 24.65
C TYR A 156 -24.95 15.75 24.30
N LEU A 157 -25.88 15.39 25.21
CA LEU A 157 -27.32 15.50 24.91
C LEU A 157 -27.76 16.90 24.55
N ASP A 158 -27.09 17.90 25.12
CA ASP A 158 -27.41 19.29 24.80
C ASP A 158 -26.47 19.84 23.72
N LYS A 159 -25.78 18.94 23.03
CA LYS A 159 -24.87 19.37 21.98
C LYS A 159 -25.41 19.03 20.59
N VAL A 160 -26.48 18.25 20.56
CA VAL A 160 -26.94 17.65 19.33
C VAL A 160 -28.43 17.95 19.13
N PRO A 161 -28.91 17.97 17.88
CA PRO A 161 -30.38 18.06 17.67
C PRO A 161 -31.17 16.95 18.39
N PRO A 162 -32.40 17.24 18.86
CA PRO A 162 -33.23 16.20 19.54
C PRO A 162 -33.32 14.89 18.72
N ALA A 163 -33.51 14.98 17.40
CA ALA A 163 -33.53 13.78 16.57
C ALA A 163 -32.22 12.97 16.63
N ILE A 164 -31.08 13.67 16.74
CA ILE A 164 -29.80 12.98 16.87
C ILE A 164 -29.74 12.26 18.22
N ALA A 165 -30.11 12.99 19.28
CA ALA A 165 -30.22 12.39 20.61
C ALA A 165 -31.02 11.08 20.55
N ASP A 166 -32.17 11.09 19.87
CA ASP A 166 -33.00 9.89 19.81
C ASP A 166 -32.24 8.79 19.11
N TYR A 167 -31.61 9.12 18.00
CA TYR A 167 -30.92 8.11 17.22
C TYR A 167 -29.80 7.51 18.05
N LEU A 168 -29.08 8.38 18.76
CA LEU A 168 -27.98 7.94 19.60
C LEU A 168 -28.45 6.97 20.68
N GLN A 169 -29.53 7.36 21.38
CA GLN A 169 -30.15 6.52 22.39
C GLN A 169 -30.55 5.15 21.84
N THR A 170 -31.05 5.09 20.61
CA THR A 170 -31.35 3.82 19.98
C THR A 170 -30.11 3.02 19.59
N PHE A 171 -29.13 3.67 18.93
CA PHE A 171 -27.92 2.98 18.42
C PHE A 171 -27.15 2.37 19.59
N GLN A 172 -27.19 3.10 20.69
CA GLN A 172 -26.61 2.68 21.95
C GLN A 172 -26.94 1.24 22.38
N LYS A 173 -28.04 0.70 21.90
CA LYS A 173 -28.43 -0.66 22.22
C LYS A 173 -27.95 -1.69 21.20
N SER A 174 -27.18 -1.29 20.20
CA SER A 174 -26.74 -2.23 19.17
C SER A 174 -25.45 -2.97 19.55
N GLU A 175 -25.14 -3.99 18.77
CA GLU A 175 -23.89 -4.71 18.93
C GLU A 175 -22.72 -3.87 18.44
N ARG A 176 -22.99 -2.99 17.49
CA ARG A 176 -21.94 -2.13 17.00
C ARG A 176 -21.54 -1.14 18.10
N TYR A 177 -22.49 -0.62 18.86
CA TYR A 177 -22.15 0.23 20.00
C TYR A 177 -21.19 -0.45 21.00
N ILE A 178 -21.46 -1.71 21.33
CA ILE A 178 -20.61 -2.42 22.26
C ILE A 178 -19.23 -2.55 21.65
N ALA A 179 -19.18 -2.95 20.38
CA ALA A 179 -17.90 -3.12 19.70
C ALA A 179 -17.04 -1.84 19.71
N LEU A 180 -17.73 -0.70 19.57
CA LEU A 180 -17.08 0.58 19.50
C LEU A 180 -16.53 1.00 20.86
N CYS A 181 -17.34 0.82 21.91
CA CYS A 181 -16.90 0.99 23.32
C CYS A 181 -15.68 0.15 23.63
N ASP A 182 -15.71 -1.11 23.23
CA ASP A 182 -14.58 -1.95 23.49
C ASP A 182 -13.33 -1.33 22.87
N GLU A 183 -13.44 -0.90 21.61
CA GLU A 183 -12.32 -0.37 20.88
C GLU A 183 -11.88 1.00 21.40
N TYR A 184 -12.84 1.86 21.68
CA TYR A 184 -12.57 3.11 22.36
C TYR A 184 -11.72 2.91 23.66
N GLN A 185 -12.19 2.03 24.54
CA GLN A 185 -11.47 1.70 25.76
C GLN A 185 -10.05 1.23 25.48
N PHE A 186 -9.88 0.31 24.53
CA PHE A 186 -8.54 -0.17 24.18
C PHE A 186 -7.57 0.95 23.75
N LEU A 187 -8.07 1.86 22.91
CA LEU A 187 -7.24 2.95 22.45
C LEU A 187 -6.94 3.86 23.60
N GLN A 188 -7.95 4.12 24.44
CA GLN A 188 -7.80 5.01 25.59
C GLN A 188 -6.74 4.46 26.56
N ALA A 189 -6.80 3.17 26.85
CA ALA A 189 -5.77 2.52 27.67
C ALA A 189 -4.42 2.58 26.97
N TYR A 190 -4.41 2.36 25.65
CA TYR A 190 -3.17 2.33 24.89
C TYR A 190 -2.47 3.67 25.00
N LYS A 191 -3.18 4.75 24.75
CA LYS A 191 -2.56 6.06 24.88
C LYS A 191 -2.16 6.37 26.33
N GLN A 192 -3.00 5.90 27.26
CA GLN A 192 -2.75 6.03 28.69
C GLN A 192 -1.33 5.58 29.03
N ALA A 193 -1.03 4.32 28.72
CA ALA A 193 0.29 3.75 28.93
C ALA A 193 1.50 4.59 28.45
N TRP A 194 1.29 5.58 27.56
CA TRP A 194 2.40 6.37 27.02
C TRP A 194 2.37 7.76 27.60
N ALA A 195 1.41 8.01 28.49
CA ALA A 195 1.24 9.36 29.03
C ALA A 195 2.46 9.89 29.82
N THR A 196 3.28 9.02 30.39
CA THR A 196 4.42 9.50 31.19
C THR A 196 5.74 9.50 30.41
N ALA A 197 5.64 9.29 29.10
CA ALA A 197 6.80 9.38 28.22
C ALA A 197 7.20 10.84 28.05
N PRO A 198 8.51 11.10 27.91
CA PRO A 198 9.00 12.47 27.83
C PRO A 198 8.61 13.20 26.55
N TYR A 199 8.38 12.46 25.46
CA TYR A 199 7.85 13.07 24.22
C TYR A 199 6.72 12.21 23.69
N ALA A 200 5.88 12.79 22.85
CA ALA A 200 4.87 11.98 22.18
C ALA A 200 5.59 10.82 21.48
N PRO A 201 5.05 9.59 21.58
CA PRO A 201 5.69 8.43 20.99
C PRO A 201 5.46 8.41 19.47
N THR A 202 6.35 7.74 18.73
CA THR A 202 6.20 7.56 17.27
C THR A 202 6.36 6.10 17.01
N PHE A 203 5.33 5.46 16.44
CA PHE A 203 5.41 4.04 16.18
C PHE A 203 5.87 3.68 14.76
N ILE A 204 6.65 2.60 14.65
CA ILE A 204 7.17 2.12 13.37
C ILE A 204 6.67 0.70 13.07
N THR A 205 5.91 0.56 12.00
CA THR A 205 5.48 -0.75 11.54
C THR A 205 5.94 -1.02 10.10
N THR A 206 5.87 -2.29 9.71
CA THR A 206 6.16 -2.70 8.36
C THR A 206 4.89 -3.33 7.83
N ASP A 207 4.67 -3.24 6.51
CA ASP A 207 3.56 -3.97 5.89
C ASP A 207 4.03 -4.67 4.65
N ALA A 208 3.50 -5.85 4.38
CA ALA A 208 3.93 -6.59 3.20
C ALA A 208 2.82 -6.65 2.17
N VAL A 209 3.14 -6.20 0.96
CA VAL A 209 2.20 -6.26 -0.16
C VAL A 209 2.71 -7.32 -1.13
N VAL A 210 2.17 -8.52 -0.95
CA VAL A 210 2.59 -9.68 -1.74
C VAL A 210 1.56 -9.99 -2.79
N VAL A 211 2.04 -10.00 -4.03
CA VAL A 211 1.18 -10.11 -5.18
C VAL A 211 1.67 -11.18 -6.12
N GLN A 212 0.77 -12.06 -6.53
CA GLN A 212 1.01 -12.96 -7.62
C GLN A 212 -0.32 -13.14 -8.34
N ALA A 213 -0.24 -12.98 -9.66
CA ALA A 213 -1.36 -13.23 -10.56
C ALA A 213 -2.64 -12.51 -10.14
N GLY A 214 -2.50 -11.22 -9.85
CA GLY A 214 -3.64 -10.34 -9.64
C GLY A 214 -4.29 -10.59 -8.31
N HIS A 215 -3.53 -11.14 -7.37
CA HIS A 215 -4.03 -11.44 -6.03
C HIS A 215 -3.08 -10.90 -5.00
N VAL A 216 -3.66 -10.33 -3.94
CA VAL A 216 -2.89 -9.77 -2.84
C VAL A 216 -3.10 -10.67 -1.62
N LEU A 217 -2.02 -11.01 -0.93
CA LEU A 217 -2.11 -11.83 0.28
C LEU A 217 -2.63 -10.97 1.44
N MET A 218 -3.81 -11.31 1.96
CA MET A 218 -4.42 -10.56 3.06
C MET A 218 -4.62 -11.42 4.33
N VAL A 219 -4.79 -10.78 5.47
CA VAL A 219 -5.12 -11.49 6.72
C VAL A 219 -6.32 -10.85 7.39
N ARG A 220 -6.90 -11.54 8.38
CA ARG A 220 -7.89 -10.92 9.26
C ARG A 220 -7.18 -10.53 10.52
N ARG A 221 -7.47 -9.33 11.02
CA ARG A 221 -6.72 -8.84 12.19
C ARG A 221 -6.98 -9.64 13.48
N GLN A 222 -5.89 -10.12 14.06
CA GLN A 222 -5.94 -10.94 15.28
C GLN A 222 -5.87 -10.13 16.58
N ALA A 223 -5.38 -8.90 16.51
CA ALA A 223 -5.25 -8.03 17.67
C ALA A 223 -5.94 -6.71 17.38
N LYS A 224 -6.28 -5.95 18.43
CA LYS A 224 -6.93 -4.66 18.27
C LYS A 224 -5.85 -3.63 17.96
N PRO A 225 -6.23 -2.47 17.41
CA PRO A 225 -7.58 -2.16 16.99
C PRO A 225 -7.87 -2.82 15.64
N GLY A 226 -9.10 -2.62 15.15
CA GLY A 226 -9.53 -3.18 13.88
C GLY A 226 -9.60 -4.69 13.90
N LEU A 227 -9.97 -5.22 15.06
CA LEU A 227 -10.05 -6.64 15.24
C LEU A 227 -11.09 -7.19 14.28
N GLY A 228 -10.67 -8.19 13.52
CA GLY A 228 -11.55 -8.81 12.53
C GLY A 228 -11.67 -8.07 11.22
N LEU A 229 -10.92 -7.01 11.00
CA LEU A 229 -10.95 -6.36 9.70
C LEU A 229 -9.91 -7.03 8.79
N ILE A 230 -10.13 -6.94 7.49
CA ILE A 230 -9.15 -7.43 6.54
C ILE A 230 -8.00 -6.43 6.50
N ALA A 231 -6.76 -6.93 6.43
CA ALA A 231 -5.59 -6.06 6.45
C ALA A 231 -4.40 -6.70 5.76
N LEU A 232 -3.40 -5.89 5.42
CA LEU A 232 -2.14 -6.44 4.96
C LEU A 232 -1.41 -7.07 6.13
N PRO A 233 -0.56 -8.10 5.87
CA PRO A 233 0.25 -8.63 6.97
C PRO A 233 1.28 -7.61 7.37
N GLY A 234 1.25 -7.17 8.63
CA GLY A 234 2.29 -6.30 9.18
C GLY A 234 2.25 -6.19 10.70
N GLY A 235 3.25 -5.53 11.27
CA GLY A 235 3.29 -5.33 12.70
C GLY A 235 4.47 -4.49 13.13
N PHE A 236 4.70 -4.42 14.44
CA PHE A 236 5.66 -3.50 14.99
C PHE A 236 7.08 -3.98 14.77
N ILE A 237 7.98 -3.03 14.53
CA ILE A 237 9.39 -3.28 14.29
C ILE A 237 10.06 -3.62 15.62
N LYS A 238 10.80 -4.73 15.69
CA LYS A 238 11.53 -5.06 16.91
C LYS A 238 12.84 -4.26 16.97
N GLN A 239 13.46 -4.21 18.15
CA GLN A 239 14.57 -3.28 18.39
C GLN A 239 15.85 -3.64 17.62
N ASN A 240 16.03 -4.91 17.32
CA ASN A 240 17.32 -5.35 16.75
C ASN A 240 17.22 -5.95 15.35
N GLU A 241 16.12 -5.68 14.66
CA GLU A 241 15.93 -6.15 13.31
C GLU A 241 15.84 -4.95 12.35
N THR A 242 16.26 -5.17 11.12
CA THR A 242 16.05 -4.21 10.02
C THR A 242 14.59 -4.24 9.59
N LEU A 243 14.17 -3.17 8.95
CA LEU A 243 12.84 -3.12 8.33
C LEU A 243 12.49 -4.34 7.44
N VAL A 244 13.42 -4.75 6.57
CA VAL A 244 13.18 -5.90 5.70
C VAL A 244 12.98 -7.15 6.52
N GLU A 245 13.88 -7.38 7.47
CA GLU A 245 13.79 -8.50 8.41
C GLU A 245 12.47 -8.49 9.15
N GLY A 246 12.12 -7.33 9.72
CA GLY A 246 10.85 -7.16 10.39
C GLY A 246 9.67 -7.49 9.53
N MET A 247 9.67 -6.91 8.33
CA MET A 247 8.70 -7.17 7.28
C MET A 247 8.55 -8.66 7.00
N LEU A 248 9.66 -9.32 6.67
CA LEU A 248 9.60 -10.79 6.42
C LEU A 248 9.15 -11.59 7.65
N ARG A 249 9.71 -11.26 8.82
CA ARG A 249 9.33 -11.90 10.09
C ARG A 249 7.82 -11.85 10.28
N GLU A 250 7.30 -10.65 10.11
CA GLU A 250 5.94 -10.40 10.43
C GLU A 250 5.05 -11.05 9.35
N LEU A 251 5.48 -10.99 8.10
CA LEU A 251 4.80 -11.74 7.03
C LEU A 251 4.73 -13.23 7.33
N LYS A 252 5.85 -13.84 7.73
CA LYS A 252 5.80 -15.27 8.15
C LYS A 252 4.89 -15.52 9.36
N GLU A 253 4.96 -14.69 10.40
CA GLU A 253 4.10 -14.89 11.58
C GLU A 253 2.63 -14.94 11.21
N GLU A 254 2.21 -13.99 10.39
CA GLU A 254 0.81 -13.73 10.18
C GLU A 254 0.19 -14.57 9.08
N THR A 255 1.00 -15.05 8.14
CA THR A 255 0.46 -15.84 7.03
C THR A 255 1.04 -17.26 6.86
N ARG A 256 2.22 -17.55 7.42
CA ARG A 256 2.89 -18.85 7.21
C ARG A 256 3.01 -19.20 5.70
N LEU A 257 3.18 -18.17 4.87
CA LEU A 257 3.40 -18.31 3.44
C LEU A 257 4.51 -19.34 3.14
N LYS A 258 4.17 -20.34 2.32
CA LYS A 258 5.13 -21.40 1.96
C LYS A 258 6.01 -21.00 0.81
N VAL A 259 6.89 -20.03 1.08
CA VAL A 259 7.93 -19.57 0.16
C VAL A 259 9.18 -19.30 1.03
N PRO A 260 10.36 -19.78 0.60
CA PRO A 260 11.58 -19.49 1.39
C PRO A 260 11.94 -18.00 1.51
N LEU A 261 12.32 -17.58 2.72
CA LEU A 261 12.76 -16.22 2.94
C LEU A 261 13.71 -15.70 1.87
N PRO A 262 14.73 -16.50 1.48
CA PRO A 262 15.68 -16.00 0.45
C PRO A 262 15.03 -15.63 -0.88
N VAL A 263 13.98 -16.32 -1.27
CA VAL A 263 13.30 -15.96 -2.52
C VAL A 263 12.32 -14.79 -2.28
N LEU A 264 11.67 -14.77 -1.12
CA LEU A 264 10.97 -13.57 -0.66
C LEU A 264 11.91 -12.37 -0.65
N ARG A 265 13.08 -12.48 -0.03
CA ARG A 265 14.04 -11.37 -0.08
C ARG A 265 14.28 -10.87 -1.50
N GLY A 266 14.62 -11.79 -2.41
CA GLY A 266 14.95 -11.47 -3.79
C GLY A 266 13.77 -11.01 -4.63
N SER A 267 12.55 -11.27 -4.17
CA SER A 267 11.33 -10.79 -4.84
C SER A 267 10.80 -9.37 -4.45
N ILE A 268 11.57 -8.58 -3.72
CA ILE A 268 11.09 -7.25 -3.35
C ILE A 268 11.36 -6.30 -4.49
N VAL A 269 10.32 -5.84 -5.16
CA VAL A 269 10.49 -4.98 -6.31
C VAL A 269 10.50 -3.49 -5.98
N ASP A 270 9.77 -3.10 -4.95
CA ASP A 270 9.68 -1.70 -4.56
C ASP A 270 9.31 -1.60 -3.09
N SER A 271 9.49 -0.42 -2.51
CA SER A 271 8.96 -0.19 -1.17
C SER A 271 8.56 1.27 -1.08
N HIS A 272 7.66 1.60 -0.14
CA HIS A 272 7.19 2.99 0.02
C HIS A 272 6.76 3.24 1.46
N VAL A 273 7.09 4.42 1.98
CA VAL A 273 6.71 4.76 3.34
C VAL A 273 5.36 5.53 3.37
N PHE A 274 4.41 5.05 4.18
CA PHE A 274 3.11 5.73 4.30
C PHE A 274 3.00 6.42 5.65
N ASP A 275 2.82 7.73 5.59
CA ASP A 275 2.98 8.54 6.79
C ASP A 275 1.89 9.57 7.00
N ALA A 276 0.64 9.33 6.59
CA ALA A 276 -0.39 10.35 6.92
C ALA A 276 -0.56 10.38 8.43
N PRO A 277 -0.42 11.57 9.05
CA PRO A 277 -0.42 11.65 10.50
C PRO A 277 -1.58 10.92 11.24
N GLY A 278 -2.79 10.94 10.66
CA GLY A 278 -3.92 10.27 11.26
C GLY A 278 -4.23 8.88 10.70
N ARG A 279 -3.29 8.25 9.99
CA ARG A 279 -3.59 6.93 9.43
C ARG A 279 -4.09 5.93 10.47
N SER A 280 -3.56 5.99 11.67
CA SER A 280 -3.89 5.04 12.72
C SER A 280 -4.34 5.81 13.95
N LEU A 281 -5.38 5.29 14.60
CA LEU A 281 -5.95 5.95 15.77
C LEU A 281 -5.17 5.69 17.06
N ARG A 282 -4.19 4.80 17.02
CA ARG A 282 -3.44 4.44 18.21
C ARG A 282 -2.42 5.49 18.62
N GLY A 283 -2.18 6.50 17.79
CA GLY A 283 -1.00 7.39 17.96
C GLY A 283 -0.31 7.52 16.60
N ARG A 284 0.69 8.38 16.48
CA ARG A 284 1.40 8.54 15.21
C ARG A 284 2.09 7.23 14.82
N THR A 285 1.55 6.57 13.78
CA THR A 285 2.15 5.34 13.24
C THR A 285 2.60 5.50 11.79
N ILE A 286 3.89 5.34 11.56
CA ILE A 286 4.42 5.48 10.22
C ILE A 286 4.82 4.10 9.70
N THR A 287 4.37 3.74 8.51
CA THR A 287 4.56 2.37 8.06
C THR A 287 5.41 2.20 6.81
N HIS A 288 6.16 1.12 6.79
CA HIS A 288 7.03 0.81 5.69
C HIS A 288 6.46 -0.35 4.96
N ALA A 289 5.99 -0.11 3.75
CA ALA A 289 5.35 -1.17 2.99
C ALA A 289 6.28 -1.68 1.88
N TYR A 290 6.32 -3.00 1.74
CA TYR A 290 7.27 -3.66 0.84
C TYR A 290 6.47 -4.43 -0.19
N PHE A 291 6.75 -4.13 -1.46
CA PHE A 291 6.06 -4.74 -2.59
C PHE A 291 6.82 -5.98 -3.01
N ILE A 292 6.15 -7.11 -2.90
CA ILE A 292 6.78 -8.36 -3.26
C ILE A 292 6.01 -9.00 -4.39
N GLN A 293 6.72 -9.23 -5.48
CA GLN A 293 6.11 -9.75 -6.69
C GLN A 293 6.58 -11.19 -6.90
N LEU A 294 5.70 -12.15 -6.63
CA LEU A 294 6.05 -13.55 -6.85
C LEU A 294 5.96 -13.98 -8.34
N PRO A 295 6.96 -14.79 -8.80
CA PRO A 295 6.96 -15.35 -10.18
C PRO A 295 5.71 -16.18 -10.40
N GLY A 296 5.06 -15.96 -11.55
CA GLY A 296 3.73 -16.50 -11.83
C GLY A 296 3.64 -18.00 -11.81
N GLY A 297 2.41 -18.51 -11.68
CA GLY A 297 2.18 -19.96 -11.65
C GLY A 297 1.08 -20.30 -10.67
N GLU A 298 1.24 -21.42 -9.98
CA GLU A 298 0.30 -21.78 -8.92
C GLU A 298 0.58 -20.85 -7.76
N LEU A 299 -0.46 -20.35 -7.11
CA LEU A 299 -0.26 -19.50 -5.93
C LEU A 299 0.25 -20.35 -4.80
N PRO A 300 1.17 -19.79 -4.01
CA PRO A 300 1.74 -20.54 -2.90
C PRO A 300 0.67 -20.76 -1.82
N ALA A 301 0.80 -21.88 -1.11
CA ALA A 301 -0.12 -22.16 0.00
C ALA A 301 0.25 -21.31 1.21
N VAL A 302 -0.77 -21.05 2.02
CA VAL A 302 -0.63 -20.27 3.25
C VAL A 302 -1.40 -20.98 4.36
N LYS A 303 -1.33 -20.46 5.59
CA LYS A 303 -2.08 -21.01 6.72
C LYS A 303 -2.63 -19.88 7.60
N LYS A 310 -6.24 -16.99 9.85
CA LYS A 310 -6.84 -16.89 8.51
C LYS A 310 -6.04 -15.92 7.61
N ALA A 311 -5.52 -16.46 6.51
CA ALA A 311 -4.84 -15.67 5.49
C ALA A 311 -5.30 -16.21 4.17
N TRP A 312 -5.34 -15.35 3.16
CA TRP A 312 -5.76 -15.79 1.85
C TRP A 312 -5.36 -14.80 0.74
N TRP A 313 -5.48 -15.28 -0.50
CA TRP A 313 -5.16 -14.49 -1.66
C TRP A 313 -6.43 -13.85 -2.10
N MET A 314 -6.42 -12.54 -2.23
CA MET A 314 -7.60 -11.80 -2.54
C MET A 314 -7.41 -11.05 -3.87
N SER A 315 -8.44 -11.12 -4.71
CA SER A 315 -8.39 -10.48 -6.01
C SER A 315 -8.64 -8.98 -5.87
N LEU A 316 -8.07 -8.23 -6.78
CA LEU A 316 -8.30 -6.81 -6.84
C LEU A 316 -9.80 -6.45 -6.91
N ALA A 317 -10.59 -7.23 -7.64
CA ALA A 317 -12.02 -6.96 -7.71
C ALA A 317 -12.66 -7.17 -6.35
N ASP A 318 -12.21 -8.21 -5.66
CA ASP A 318 -12.77 -8.51 -4.34
C ASP A 318 -12.43 -7.46 -3.26
N LEU A 319 -11.22 -6.92 -3.33
CA LEU A 319 -10.82 -5.82 -2.49
C LEU A 319 -11.75 -4.63 -2.67
N TYR A 320 -12.00 -4.19 -3.91
CA TYR A 320 -12.95 -3.09 -4.15
C TYR A 320 -14.32 -3.46 -3.64
N ALA A 321 -14.71 -4.72 -3.82
CA ALA A 321 -16.01 -5.20 -3.39
C ALA A 321 -16.12 -5.16 -1.86
N GLN A 322 -15.00 -5.39 -1.17
CA GLN A 322 -15.01 -5.37 0.29
C GLN A 322 -14.18 -4.23 0.91
N GLU A 323 -14.04 -3.17 0.14
CA GLU A 323 -13.53 -1.88 0.57
C GLU A 323 -13.75 -1.51 2.05
N GLU A 324 -14.98 -1.67 2.52
CA GLU A 324 -15.41 -1.25 3.85
C GLU A 324 -14.96 -2.18 5.01
N GLN A 325 -14.38 -3.31 4.68
CA GLN A 325 -13.88 -4.20 5.68
C GLN A 325 -12.38 -4.01 5.84
N ILE A 326 -11.78 -3.07 5.10
CA ILE A 326 -10.33 -2.93 5.12
C ILE A 326 -9.85 -1.94 6.15
N TYR A 327 -8.74 -2.26 6.78
CA TYR A 327 -8.16 -1.58 7.90
C TYR A 327 -7.33 -0.40 7.51
N GLU A 328 -7.50 0.67 8.26
CA GLU A 328 -6.74 1.88 8.14
C GLU A 328 -6.58 2.40 6.76
N ASP A 329 -5.35 2.63 6.35
CA ASP A 329 -5.08 3.02 5.01
C ASP A 329 -4.70 1.94 4.04
N HIS A 330 -4.95 0.70 4.40
CA HIS A 330 -4.35 -0.44 3.66
C HIS A 330 -4.82 -0.53 2.21
N PHE A 331 -6.09 -0.24 1.96
CA PHE A 331 -6.52 -0.17 0.58
C PHE A 331 -5.68 0.83 -0.26
N GLN A 332 -5.34 1.98 0.31
CA GLN A 332 -4.53 2.97 -0.39
C GLN A 332 -3.11 2.48 -0.62
N ILE A 333 -2.62 1.67 0.33
CA ILE A 333 -1.27 1.14 0.21
C ILE A 333 -1.27 0.18 -0.98
N ILE A 334 -2.29 -0.68 -1.08
CA ILE A 334 -2.38 -1.62 -2.18
C ILE A 334 -2.49 -0.86 -3.51
N GLN A 335 -3.50 0.01 -3.61
CA GLN A 335 -3.65 0.91 -4.73
C GLN A 335 -2.33 1.54 -5.14
N HIS A 336 -1.53 2.03 -4.21
CA HIS A 336 -0.27 2.65 -4.59
C HIS A 336 0.55 1.73 -5.48
N PHE A 337 0.62 0.44 -5.15
CA PHE A 337 1.45 -0.47 -5.92
C PHE A 337 0.76 -1.11 -7.16
N VAL A 338 -0.55 -1.44 -7.07
CA VAL A 338 -1.27 -2.26 -8.11
C VAL A 338 -2.64 -1.78 -8.62
N LYS B 6 -14.83 -42.39 -6.64
CA LYS B 6 -13.63 -42.52 -7.52
C LYS B 6 -12.74 -41.25 -7.58
N TYR B 7 -13.32 -40.07 -7.27
CA TYR B 7 -12.55 -38.86 -6.96
C TYR B 7 -13.20 -38.14 -5.80
N GLN B 8 -12.42 -37.39 -5.05
CA GLN B 8 -12.95 -36.71 -3.88
C GLN B 8 -13.66 -35.44 -4.32
N TYR B 9 -13.27 -34.94 -5.51
CA TYR B 9 -13.70 -33.64 -6.04
C TYR B 9 -13.82 -33.64 -7.59
N GLY B 10 -14.95 -33.16 -8.09
CA GLY B 10 -15.17 -33.03 -9.53
C GLY B 10 -15.55 -31.60 -9.91
N ILE B 11 -14.85 -31.06 -10.92
CA ILE B 11 -15.03 -29.67 -11.35
C ILE B 11 -15.68 -29.65 -12.71
N TYR B 12 -16.77 -28.88 -12.78
CA TYR B 12 -17.43 -28.59 -14.04
C TYR B 12 -17.54 -27.05 -14.19
N ILE B 13 -16.93 -26.53 -15.23
CA ILE B 13 -16.91 -25.11 -15.51
C ILE B 13 -17.86 -24.83 -16.68
N GLY B 14 -18.67 -23.79 -16.56
CA GLY B 14 -19.33 -23.30 -17.74
C GLY B 14 -19.92 -21.91 -17.61
N ARG B 15 -20.55 -21.46 -18.68
CA ARG B 15 -21.42 -20.29 -18.65
C ARG B 15 -22.90 -20.65 -18.35
N PHE B 16 -23.41 -21.74 -18.93
CA PHE B 16 -24.76 -22.19 -18.65
C PHE B 16 -25.75 -21.09 -18.89
N GLN B 17 -25.87 -20.71 -20.16
CA GLN B 17 -26.65 -19.58 -20.55
C GLN B 17 -27.63 -20.00 -21.64
N PRO B 18 -28.64 -20.78 -21.28
CA PRO B 18 -28.98 -21.31 -19.96
C PRO B 18 -28.46 -22.72 -19.76
N PHE B 19 -28.48 -23.20 -18.52
CA PHE B 19 -28.26 -24.62 -18.17
C PHE B 19 -29.21 -25.49 -19.00
N HIS B 20 -28.67 -26.38 -19.84
CA HIS B 20 -29.53 -27.25 -20.67
C HIS B 20 -29.30 -28.75 -20.39
N LEU B 21 -30.01 -29.62 -21.10
CA LEU B 21 -29.92 -31.06 -20.84
C LEU B 21 -28.54 -31.65 -21.08
N GLY B 22 -27.76 -31.05 -21.97
CA GLY B 22 -26.38 -31.44 -22.16
C GLY B 22 -25.60 -31.17 -20.89
N HIS B 23 -25.82 -30.02 -20.28
CA HIS B 23 -25.07 -29.67 -19.08
C HIS B 23 -25.44 -30.65 -17.95
N LEU B 24 -26.74 -30.99 -17.85
CA LEU B 24 -27.24 -31.79 -16.74
C LEU B 24 -26.68 -33.19 -16.85
N ARG B 25 -26.58 -33.70 -18.07
CA ARG B 25 -25.95 -34.97 -18.32
C ARG B 25 -24.54 -34.95 -17.74
N THR B 26 -23.76 -33.91 -18.01
CA THR B 26 -22.39 -33.87 -17.51
C THR B 26 -22.38 -33.66 -16.02
N LEU B 27 -23.28 -32.83 -15.53
CA LEU B 27 -23.32 -32.59 -14.09
C LEU B 27 -23.70 -33.90 -13.35
N ASN B 28 -24.63 -34.69 -13.91
CA ASN B 28 -24.91 -36.06 -13.41
C ASN B 28 -23.72 -37.03 -13.45
N LEU B 29 -23.04 -37.09 -14.59
CA LEU B 29 -21.81 -37.85 -14.69
C LEU B 29 -20.80 -37.45 -13.60
N ALA B 30 -20.73 -36.15 -13.29
CA ALA B 30 -19.80 -35.69 -12.29
C ALA B 30 -20.17 -36.20 -10.93
N LEU B 31 -21.46 -36.15 -10.61
CA LEU B 31 -21.96 -36.68 -9.35
C LEU B 31 -21.71 -38.19 -9.15
N GLU B 32 -21.64 -38.97 -10.24
CA GLU B 32 -21.21 -40.36 -10.15
C GLU B 32 -19.73 -40.44 -9.86
N LYS B 33 -18.90 -39.68 -10.62
CA LYS B 33 -17.44 -39.82 -10.53
C LYS B 33 -16.73 -39.19 -9.32
N ALA B 34 -17.42 -38.38 -8.51
CA ALA B 34 -16.76 -37.70 -7.39
C ALA B 34 -17.67 -37.46 -6.19
N GLU B 35 -17.10 -37.36 -5.00
CA GLU B 35 -17.91 -37.14 -3.81
C GLU B 35 -18.49 -35.74 -3.76
N GLN B 36 -17.64 -34.73 -3.82
CA GLN B 36 -18.11 -33.36 -3.88
C GLN B 36 -18.04 -32.84 -5.30
N VAL B 37 -19.03 -32.07 -5.70
CA VAL B 37 -19.00 -31.47 -7.02
C VAL B 37 -18.89 -29.94 -6.95
N ILE B 38 -17.92 -29.40 -7.68
CA ILE B 38 -17.73 -27.96 -7.80
C ILE B 38 -18.14 -27.46 -9.16
N ILE B 39 -19.19 -26.65 -9.14
CA ILE B 39 -19.64 -25.97 -10.34
C ILE B 39 -19.03 -24.56 -10.41
N ILE B 40 -18.31 -24.30 -11.48
CA ILE B 40 -17.78 -22.96 -11.69
C ILE B 40 -18.55 -22.15 -12.72
N LEU B 41 -19.22 -21.12 -12.20
CA LEU B 41 -19.93 -20.14 -13.02
C LEU B 41 -18.95 -19.07 -13.60
N GLY B 42 -18.48 -19.34 -14.81
CA GLY B 42 -17.77 -18.35 -15.59
C GLY B 42 -18.56 -17.09 -15.93
N SER B 43 -17.84 -16.16 -16.57
CA SER B 43 -18.34 -14.87 -16.98
C SER B 43 -19.07 -14.14 -15.88
N HIS B 44 -18.57 -14.25 -14.65
CA HIS B 44 -19.18 -13.53 -13.51
C HIS B 44 -19.12 -12.02 -13.76
N ARG B 45 -20.20 -11.35 -13.41
CA ARG B 45 -20.33 -9.90 -13.56
C ARG B 45 -20.08 -9.32 -14.94
N VAL B 46 -20.25 -10.11 -15.98
CA VAL B 46 -20.32 -9.61 -17.36
C VAL B 46 -21.69 -8.92 -17.58
N ALA B 47 -21.73 -7.78 -18.25
CA ALA B 47 -22.98 -7.13 -18.59
C ALA B 47 -23.85 -8.09 -19.40
N ALA B 48 -25.16 -8.07 -19.16
CA ALA B 48 -26.09 -8.95 -19.84
C ALA B 48 -26.17 -8.62 -21.31
N ASP B 49 -26.01 -9.66 -22.12
CA ASP B 49 -26.16 -9.53 -23.55
C ASP B 49 -26.73 -10.84 -24.14
N THR B 50 -26.89 -10.90 -25.46
CA THR B 50 -27.57 -12.03 -26.09
C THR B 50 -26.81 -13.34 -25.95
N ARG B 51 -25.57 -13.25 -25.52
CA ARG B 51 -24.71 -14.40 -25.29
C ARG B 51 -24.63 -14.78 -23.81
N ASN B 52 -24.82 -13.83 -22.91
CA ASN B 52 -24.89 -14.09 -21.48
C ASN B 52 -26.08 -13.39 -20.85
N PRO B 53 -27.31 -13.88 -21.09
CA PRO B 53 -28.51 -13.20 -20.57
C PRO B 53 -28.65 -13.19 -19.04
N TRP B 54 -28.18 -14.22 -18.34
CA TRP B 54 -28.49 -14.30 -16.92
C TRP B 54 -27.26 -14.06 -16.08
N ARG B 55 -27.46 -13.34 -15.00
CA ARG B 55 -26.42 -13.00 -14.04
C ARG B 55 -26.12 -14.25 -13.26
N SER B 56 -25.01 -14.28 -12.56
CA SER B 56 -24.55 -15.53 -12.03
C SER B 56 -25.35 -16.00 -10.80
N PRO B 57 -25.92 -15.09 -10.00
CA PRO B 57 -26.88 -15.58 -8.99
C PRO B 57 -28.11 -16.22 -9.62
N GLU B 58 -28.59 -15.67 -10.73
CA GLU B 58 -29.70 -16.26 -11.44
C GLU B 58 -29.33 -17.64 -11.98
N ARG B 59 -28.10 -17.82 -12.44
CA ARG B 59 -27.71 -19.09 -13.01
C ARG B 59 -27.60 -20.13 -11.91
N MET B 60 -27.23 -19.68 -10.71
CA MET B 60 -27.13 -20.60 -9.61
C MET B 60 -28.53 -21.06 -9.20
N ALA B 61 -29.46 -20.13 -9.02
CA ALA B 61 -30.84 -20.47 -8.76
C ALA B 61 -31.36 -21.47 -9.80
N MET B 62 -31.14 -21.20 -11.10
CA MET B 62 -31.59 -22.10 -12.19
C MET B 62 -31.09 -23.54 -11.98
N ILE B 63 -29.79 -23.69 -11.73
CA ILE B 63 -29.19 -25.00 -11.57
C ILE B 63 -29.72 -25.66 -10.29
N GLU B 64 -29.86 -24.88 -9.22
CA GLU B 64 -30.37 -25.42 -7.96
C GLU B 64 -31.78 -25.98 -8.10
N ALA B 65 -32.57 -25.33 -8.95
CA ALA B 65 -33.95 -25.72 -9.14
C ALA B 65 -34.07 -27.05 -9.87
N CYS B 66 -32.99 -27.51 -10.49
CA CYS B 66 -32.99 -28.79 -11.20
C CYS B 66 -32.47 -29.88 -10.31
N LEU B 67 -32.01 -29.53 -9.12
CA LEU B 67 -31.41 -30.52 -8.24
C LEU B 67 -32.17 -30.58 -6.92
N SER B 68 -31.91 -31.63 -6.15
CA SER B 68 -32.63 -31.79 -4.92
C SER B 68 -31.77 -31.27 -3.77
N PRO B 69 -32.41 -30.73 -2.75
CA PRO B 69 -31.71 -30.28 -1.58
C PRO B 69 -30.65 -31.26 -1.12
N GLN B 70 -30.97 -32.54 -1.21
CA GLN B 70 -30.06 -33.58 -0.75
C GLN B 70 -28.79 -33.69 -1.59
N ILE B 71 -28.95 -33.65 -2.89
CA ILE B 71 -27.77 -33.73 -3.76
C ILE B 71 -26.97 -32.39 -3.69
N LEU B 72 -27.70 -31.28 -3.54
CA LEU B 72 -27.10 -29.98 -3.27
C LEU B 72 -26.16 -29.99 -2.07
N LYS B 73 -26.39 -30.86 -1.10
CA LYS B 73 -25.44 -30.97 0.02
C LYS B 73 -24.03 -31.30 -0.45
N ARG B 74 -23.86 -32.02 -1.57
CA ARG B 74 -22.50 -32.25 -2.05
C ARG B 74 -22.12 -31.44 -3.28
N VAL B 75 -22.84 -30.32 -3.47
CA VAL B 75 -22.58 -29.45 -4.61
C VAL B 75 -22.14 -28.03 -4.19
N HIS B 76 -21.05 -27.58 -4.82
CA HIS B 76 -20.46 -26.27 -4.52
C HIS B 76 -20.40 -25.30 -5.71
N PHE B 77 -20.98 -24.12 -5.54
CA PHE B 77 -20.89 -23.06 -6.57
C PHE B 77 -19.75 -22.06 -6.37
N LEU B 78 -19.03 -21.82 -7.46
CA LEU B 78 -18.02 -20.77 -7.53
C LEU B 78 -18.27 -19.88 -8.74
N THR B 79 -18.15 -18.57 -8.56
CA THR B 79 -18.24 -17.64 -9.70
C THR B 79 -16.87 -17.05 -10.00
N VAL B 80 -16.53 -16.94 -11.28
CA VAL B 80 -15.25 -16.39 -11.72
C VAL B 80 -15.41 -15.39 -12.90
N ARG B 81 -14.76 -14.24 -12.75
CA ARG B 81 -14.80 -13.17 -13.75
C ARG B 81 -14.08 -13.61 -14.98
N ASP B 82 -14.34 -12.92 -16.08
CA ASP B 82 -13.55 -13.05 -17.27
C ASP B 82 -12.31 -12.09 -17.24
N TRP B 83 -11.22 -12.55 -17.84
CA TRP B 83 -10.03 -11.70 -18.02
C TRP B 83 -9.56 -12.04 -19.40
N LEU B 84 -10.28 -11.47 -20.35
CA LEU B 84 -10.13 -11.79 -21.74
C LEU B 84 -8.71 -11.65 -22.30
N TYR B 85 -7.83 -10.96 -21.58
CA TYR B 85 -6.47 -10.71 -22.09
C TYR B 85 -5.39 -11.30 -21.23
N SER B 86 -5.80 -11.98 -20.14
CA SER B 86 -4.88 -12.70 -19.29
C SER B 86 -5.43 -14.03 -18.79
N ASP B 87 -5.19 -15.09 -19.53
CA ASP B 87 -5.48 -16.43 -19.00
C ASP B 87 -4.92 -16.71 -17.57
N ASN B 88 -3.72 -16.18 -17.27
CA ASN B 88 -3.11 -16.38 -15.97
C ASN B 88 -3.90 -15.77 -14.85
N LEU B 89 -4.51 -14.61 -15.04
CA LEU B 89 -5.32 -14.06 -13.95
C LEU B 89 -6.58 -14.90 -13.67
N TRP B 90 -7.08 -15.52 -14.74
CA TRP B 90 -8.23 -16.38 -14.68
C TRP B 90 -7.87 -17.69 -13.94
N LEU B 91 -6.86 -18.39 -14.45
CA LEU B 91 -6.34 -19.62 -13.84
C LEU B 91 -6.11 -19.43 -12.34
N ALA B 92 -5.42 -18.36 -11.97
CA ALA B 92 -5.18 -18.16 -10.58
C ALA B 92 -6.49 -18.06 -9.81
N ALA B 93 -7.44 -17.29 -10.34
CA ALA B 93 -8.69 -17.09 -9.61
C ALA B 93 -9.45 -18.41 -9.45
N VAL B 94 -9.35 -19.27 -10.47
CA VAL B 94 -9.99 -20.57 -10.42
C VAL B 94 -9.33 -21.42 -9.33
N GLN B 95 -8.02 -21.63 -9.44
CA GLN B 95 -7.28 -22.24 -8.34
C GLN B 95 -7.64 -21.70 -6.95
N GLN B 96 -7.68 -20.39 -6.78
CA GLN B 96 -7.99 -19.88 -5.45
C GLN B 96 -9.42 -20.14 -4.98
N GLN B 97 -10.36 -20.04 -5.90
CA GLN B 97 -11.73 -20.29 -5.56
C GLN B 97 -11.89 -21.79 -5.24
N VAL B 98 -11.21 -22.64 -6.01
CA VAL B 98 -11.35 -24.08 -5.85
C VAL B 98 -10.74 -24.52 -4.52
N LEU B 99 -9.55 -23.99 -4.24
CA LEU B 99 -8.81 -24.36 -3.04
C LEU B 99 -9.64 -24.19 -1.80
N LYS B 100 -10.44 -23.14 -1.75
CA LYS B 100 -11.26 -22.86 -0.58
C LYS B 100 -12.29 -23.99 -0.27
N ILE B 101 -12.52 -24.87 -1.23
CA ILE B 101 -13.49 -25.97 -1.07
C ILE B 101 -12.71 -27.29 -0.92
N THR B 102 -11.70 -27.44 -1.77
CA THR B 102 -10.93 -28.64 -1.95
C THR B 102 -9.98 -28.88 -0.79
N GLY B 103 -9.96 -27.93 0.15
CA GLY B 103 -9.00 -27.96 1.27
C GLY B 103 -7.57 -27.84 0.75
N GLY B 104 -7.19 -28.76 -0.12
CA GLY B 104 -5.92 -28.71 -0.83
C GLY B 104 -5.70 -30.02 -1.54
N SER B 105 -6.74 -30.88 -1.54
CA SER B 105 -6.62 -32.29 -1.94
C SER B 105 -6.04 -32.52 -3.34
N ASN B 106 -5.47 -33.69 -3.56
CA ASN B 106 -4.93 -34.01 -4.88
C ASN B 106 -5.89 -34.91 -5.67
N SER B 107 -7.04 -35.21 -5.05
CA SER B 107 -8.05 -36.07 -5.68
C SER B 107 -9.15 -35.25 -6.39
N VAL B 108 -8.93 -34.96 -7.67
CA VAL B 108 -9.69 -33.93 -8.39
C VAL B 108 -9.73 -34.24 -9.87
N VAL B 109 -10.94 -34.27 -10.43
CA VAL B 109 -11.13 -34.39 -11.87
C VAL B 109 -11.86 -33.14 -12.44
N VAL B 110 -11.63 -32.91 -13.73
CA VAL B 110 -12.30 -31.84 -14.45
C VAL B 110 -13.08 -32.49 -15.55
N LEU B 111 -14.40 -32.29 -15.56
CA LEU B 111 -15.22 -32.87 -16.59
C LEU B 111 -15.59 -31.83 -17.64
N GLY B 112 -15.54 -32.19 -18.90
CA GLY B 112 -16.00 -31.26 -19.91
C GLY B 112 -16.09 -31.89 -21.27
N HIS B 113 -16.39 -31.07 -22.27
CA HIS B 113 -16.28 -31.48 -23.67
C HIS B 113 -15.55 -30.39 -24.43
N ARG B 114 -14.60 -30.80 -25.28
CA ARG B 114 -13.93 -29.89 -26.20
C ARG B 114 -14.81 -29.60 -27.36
N LYS B 115 -15.73 -28.66 -27.19
CA LYS B 115 -16.69 -28.31 -28.24
C LYS B 115 -16.06 -27.59 -29.42
N ASP B 116 -15.26 -26.55 -29.15
CA ASP B 116 -14.75 -25.66 -30.18
C ASP B 116 -13.57 -24.88 -29.64
N ALA B 117 -13.14 -23.87 -30.39
CA ALA B 117 -11.98 -23.05 -30.01
C ALA B 117 -12.03 -22.49 -28.58
N SER B 118 -13.25 -22.25 -28.08
CA SER B 118 -13.42 -21.67 -26.73
C SER B 118 -13.18 -22.67 -25.61
N SER B 119 -13.03 -23.94 -25.97
CA SER B 119 -12.87 -25.01 -24.98
C SER B 119 -11.39 -25.26 -24.62
N TYR B 120 -10.48 -24.55 -25.32
CA TYR B 120 -9.02 -24.59 -25.08
C TYR B 120 -8.61 -24.60 -23.60
N TYR B 121 -9.37 -23.97 -22.71
CA TYR B 121 -9.03 -23.93 -21.29
C TYR B 121 -9.05 -25.31 -20.62
N LEU B 122 -9.76 -26.26 -21.23
CA LEU B 122 -9.99 -27.56 -20.60
C LEU B 122 -8.71 -28.36 -20.34
N ASN B 123 -7.63 -27.88 -20.93
CA ASN B 123 -6.38 -28.51 -20.71
C ASN B 123 -5.33 -27.56 -20.20
N LEU B 124 -5.71 -26.64 -19.35
CA LEU B 124 -4.78 -25.76 -18.65
C LEU B 124 -4.72 -26.15 -17.16
N PHE B 125 -5.33 -27.30 -16.85
CA PHE B 125 -5.22 -27.93 -15.54
C PHE B 125 -4.64 -29.34 -15.78
N PRO B 126 -3.29 -29.45 -15.84
CA PRO B 126 -2.56 -30.73 -15.82
C PRO B 126 -2.30 -31.24 -14.40
N GLN B 127 -2.22 -30.33 -13.45
CA GLN B 127 -2.33 -30.63 -12.02
C GLN B 127 -3.39 -31.71 -11.76
N TRP B 128 -4.57 -31.50 -12.33
CA TRP B 128 -5.72 -32.36 -12.13
C TRP B 128 -6.02 -33.25 -13.35
N ASP B 129 -6.90 -34.24 -13.15
CA ASP B 129 -7.29 -35.17 -14.24
C ASP B 129 -8.37 -34.60 -15.16
N TYR B 130 -8.38 -35.04 -16.42
CA TYR B 130 -9.42 -34.57 -17.31
C TYR B 130 -10.29 -35.68 -17.93
N LEU B 131 -11.58 -35.60 -17.62
CA LEU B 131 -12.58 -36.50 -18.15
C LEU B 131 -13.37 -35.88 -19.30
N GLU B 132 -13.02 -36.22 -20.53
CA GLU B 132 -13.76 -35.82 -21.72
C GLU B 132 -15.05 -36.65 -21.85
N THR B 133 -16.16 -36.01 -22.19
CA THR B 133 -17.46 -36.65 -22.19
C THR B 133 -17.93 -36.97 -23.59
N GLY B 134 -17.34 -36.33 -24.60
CA GLY B 134 -17.87 -36.42 -25.96
C GLY B 134 -19.02 -35.45 -26.14
N HIS B 135 -19.41 -35.24 -27.40
CA HIS B 135 -20.53 -34.37 -27.70
C HIS B 135 -21.87 -35.07 -27.46
N TYR B 136 -22.86 -34.32 -26.96
CA TYR B 136 -24.22 -34.80 -26.88
C TYR B 136 -25.05 -34.10 -27.94
N PRO B 137 -25.39 -34.83 -28.99
CA PRO B 137 -26.16 -34.27 -30.10
C PRO B 137 -27.29 -33.37 -29.61
N ASP B 138 -27.49 -32.23 -30.27
CA ASP B 138 -28.81 -31.61 -30.36
C ASP B 138 -29.08 -30.72 -29.15
N PHE B 139 -28.06 -30.54 -28.32
CA PHE B 139 -28.15 -29.63 -27.18
C PHE B 139 -27.18 -28.47 -27.33
N SER B 140 -27.65 -27.39 -27.95
CA SER B 140 -26.79 -26.25 -28.26
C SER B 140 -27.32 -24.97 -27.61
N SER B 141 -26.55 -24.40 -26.69
CA SER B 141 -26.91 -23.16 -26.01
C SER B 141 -27.29 -22.03 -27.01
N THR B 142 -26.46 -21.86 -28.02
CA THR B 142 -26.67 -20.90 -29.08
C THR B 142 -28.03 -21.11 -29.73
N ALA B 143 -28.35 -22.36 -30.04
CA ALA B 143 -29.65 -22.68 -30.66
C ALA B 143 -30.80 -22.39 -29.69
N ILE B 144 -30.59 -22.75 -28.43
CA ILE B 144 -31.58 -22.50 -27.40
C ILE B 144 -31.89 -21.02 -27.25
N ARG B 145 -30.84 -20.19 -27.07
CA ARG B 145 -30.99 -18.72 -26.97
C ARG B 145 -31.66 -18.14 -28.20
N GLY B 146 -31.25 -18.57 -29.38
CA GLY B 146 -31.83 -18.04 -30.62
C GLY B 146 -33.33 -18.29 -30.66
N ALA B 147 -33.69 -19.55 -30.38
CA ALA B 147 -35.07 -19.96 -30.30
C ALA B 147 -35.85 -19.12 -29.29
N TYR B 148 -35.29 -18.98 -28.10
CA TYR B 148 -35.95 -18.25 -27.06
C TYR B 148 -36.17 -16.78 -27.43
N PHE B 149 -35.18 -16.11 -28.00
CA PHE B 149 -35.38 -14.69 -28.39
C PHE B 149 -36.28 -14.52 -29.58
N GLU B 150 -36.41 -15.57 -30.37
CA GLU B 150 -37.36 -15.57 -31.46
C GLU B 150 -38.73 -16.05 -31.03
N GLY B 151 -38.90 -16.39 -29.75
CA GLY B 151 -40.16 -16.92 -29.22
C GLY B 151 -40.65 -18.26 -29.76
N LYS B 152 -39.74 -19.10 -30.26
CA LYS B 152 -40.09 -20.40 -30.80
C LYS B 152 -39.95 -21.53 -29.77
N GLU B 153 -40.97 -21.70 -28.94
CA GLU B 153 -40.92 -22.65 -27.80
C GLU B 153 -40.61 -24.11 -28.10
N GLY B 154 -41.14 -24.63 -29.19
CA GLY B 154 -40.87 -26.01 -29.52
C GLY B 154 -39.42 -26.32 -29.83
N ASP B 155 -38.65 -25.30 -30.21
CA ASP B 155 -37.22 -25.52 -30.49
C ASP B 155 -36.35 -25.48 -29.25
N TYR B 156 -36.91 -25.14 -28.09
CA TYR B 156 -36.13 -25.14 -26.85
C TYR B 156 -36.70 -25.94 -25.66
N LEU B 157 -38.03 -26.04 -25.55
CA LEU B 157 -38.66 -26.80 -24.45
C LEU B 157 -38.17 -28.24 -24.29
N ASP B 158 -37.91 -28.91 -25.39
CA ASP B 158 -37.48 -30.31 -25.36
C ASP B 158 -35.94 -30.39 -25.22
N LYS B 159 -35.32 -29.29 -24.80
CA LYS B 159 -33.85 -29.21 -24.72
C LYS B 159 -33.31 -28.74 -23.36
N VAL B 160 -34.18 -28.32 -22.46
CA VAL B 160 -33.77 -27.88 -21.14
C VAL B 160 -34.51 -28.72 -20.09
N PRO B 161 -33.95 -28.85 -18.87
CA PRO B 161 -34.70 -29.42 -17.75
C PRO B 161 -36.01 -28.67 -17.52
N PRO B 162 -37.06 -29.36 -16.97
CA PRO B 162 -38.36 -28.66 -16.76
C PRO B 162 -38.27 -27.46 -15.83
N ALA B 163 -37.44 -27.54 -14.80
CA ALA B 163 -37.26 -26.37 -13.95
C ALA B 163 -36.67 -25.19 -14.77
N ILE B 164 -35.87 -25.49 -15.81
CA ILE B 164 -35.27 -24.44 -16.65
C ILE B 164 -36.38 -23.80 -17.51
N ALA B 165 -37.19 -24.64 -18.15
CA ALA B 165 -38.37 -24.15 -18.91
C ALA B 165 -39.29 -23.26 -18.08
N ASP B 166 -39.55 -23.63 -16.82
CA ASP B 166 -40.31 -22.76 -15.92
C ASP B 166 -39.64 -21.39 -15.82
N TYR B 167 -38.37 -21.40 -15.44
CA TYR B 167 -37.58 -20.15 -15.32
C TYR B 167 -37.61 -19.28 -16.58
N LEU B 168 -37.37 -19.88 -17.74
CA LEU B 168 -37.40 -19.14 -19.00
C LEU B 168 -38.73 -18.46 -19.24
N GLN B 169 -39.79 -19.09 -18.75
CA GLN B 169 -41.16 -18.64 -18.97
C GLN B 169 -41.55 -17.46 -18.07
N THR B 170 -41.13 -17.49 -16.80
CA THR B 170 -41.26 -16.34 -15.90
C THR B 170 -40.43 -15.17 -16.43
N PHE B 171 -39.17 -15.47 -16.78
CA PHE B 171 -38.21 -14.47 -17.23
C PHE B 171 -38.67 -13.80 -18.52
N GLN B 172 -39.49 -14.50 -19.27
CA GLN B 172 -40.06 -14.00 -20.51
C GLN B 172 -41.01 -12.82 -20.27
N LYS B 173 -41.26 -12.52 -19.01
CA LYS B 173 -42.13 -11.40 -18.64
C LYS B 173 -41.34 -10.13 -18.38
N SER B 174 -40.03 -10.25 -18.11
CA SER B 174 -39.24 -9.11 -17.61
C SER B 174 -38.84 -8.08 -18.66
N GLU B 175 -38.34 -6.94 -18.19
CA GLU B 175 -37.87 -5.89 -19.10
C GLU B 175 -36.59 -6.36 -19.81
N ARG B 176 -35.73 -7.07 -19.08
CA ARG B 176 -34.50 -7.59 -19.65
C ARG B 176 -34.75 -8.44 -20.90
N TYR B 177 -35.74 -9.31 -20.84
CA TYR B 177 -36.08 -10.15 -21.97
C TYR B 177 -36.49 -9.34 -23.20
N ILE B 178 -37.17 -8.23 -22.98
CA ILE B 178 -37.68 -7.44 -24.07
C ILE B 178 -36.52 -6.70 -24.73
N ALA B 179 -35.62 -6.17 -23.90
CA ALA B 179 -34.40 -5.54 -24.37
C ALA B 179 -33.52 -6.57 -25.12
N LEU B 180 -33.31 -7.75 -24.53
CA LEU B 180 -32.54 -8.78 -25.21
C LEU B 180 -33.14 -9.25 -26.54
N CYS B 181 -34.48 -9.30 -26.65
CA CYS B 181 -35.12 -9.63 -27.93
C CYS B 181 -34.81 -8.59 -28.97
N ASP B 182 -34.95 -7.33 -28.56
CA ASP B 182 -34.62 -6.22 -29.41
C ASP B 182 -33.17 -6.33 -29.86
N GLU B 183 -32.25 -6.51 -28.92
CA GLU B 183 -30.84 -6.55 -29.26
C GLU B 183 -30.52 -7.73 -30.20
N TYR B 184 -31.25 -8.82 -30.03
CA TYR B 184 -31.02 -10.01 -30.81
C TYR B 184 -31.50 -9.83 -32.24
N GLN B 185 -32.69 -9.26 -32.41
CA GLN B 185 -33.20 -8.88 -33.73
C GLN B 185 -32.17 -7.97 -34.45
N PHE B 186 -31.63 -7.00 -33.71
CA PHE B 186 -30.68 -6.07 -34.28
C PHE B 186 -29.41 -6.75 -34.85
N LEU B 187 -28.76 -7.59 -34.03
CA LEU B 187 -27.56 -8.31 -34.42
C LEU B 187 -27.81 -9.21 -35.60
N GLN B 188 -28.94 -9.90 -35.58
CA GLN B 188 -29.30 -10.86 -36.61
C GLN B 188 -29.40 -10.15 -37.97
N ALA B 189 -30.11 -9.02 -37.97
CA ALA B 189 -30.22 -8.17 -39.13
C ALA B 189 -28.85 -7.58 -39.54
N TYR B 190 -28.05 -7.19 -38.55
CA TYR B 190 -26.73 -6.66 -38.82
C TYR B 190 -25.84 -7.67 -39.54
N LYS B 191 -25.86 -8.93 -39.08
CA LYS B 191 -25.03 -9.97 -39.67
C LYS B 191 -25.55 -10.37 -41.03
N GLN B 192 -26.87 -10.43 -41.13
CA GLN B 192 -27.54 -10.78 -42.37
C GLN B 192 -27.19 -9.77 -43.48
N ALA B 193 -27.08 -8.48 -43.12
CA ALA B 193 -26.76 -7.45 -44.12
C ALA B 193 -25.39 -7.62 -44.73
N TRP B 194 -24.56 -8.50 -44.15
CA TRP B 194 -23.22 -8.80 -44.68
C TRP B 194 -23.19 -10.16 -45.32
N ALA B 195 -24.36 -10.76 -45.45
CA ALA B 195 -24.38 -12.15 -45.91
C ALA B 195 -23.79 -12.32 -47.32
N THR B 196 -23.87 -11.32 -48.19
CA THR B 196 -23.31 -11.48 -49.53
C THR B 196 -21.86 -10.94 -49.75
N ALA B 197 -21.18 -10.62 -48.64
CA ALA B 197 -19.76 -10.27 -48.69
C ALA B 197 -18.95 -11.43 -49.30
N PRO B 198 -17.94 -11.12 -50.11
CA PRO B 198 -17.11 -12.25 -50.59
C PRO B 198 -16.22 -12.91 -49.51
N TYR B 199 -16.17 -12.31 -48.31
CA TYR B 199 -15.31 -12.75 -47.20
C TYR B 199 -15.96 -12.25 -45.95
N ALA B 200 -15.77 -12.96 -44.83
CA ALA B 200 -16.34 -12.51 -43.55
C ALA B 200 -15.78 -11.11 -43.29
N PRO B 201 -16.63 -10.16 -42.85
CA PRO B 201 -16.08 -8.83 -42.70
C PRO B 201 -15.32 -8.69 -41.39
N THR B 202 -14.38 -7.76 -41.36
CA THR B 202 -13.71 -7.41 -40.13
C THR B 202 -13.91 -5.92 -39.89
N PHE B 203 -14.23 -5.58 -38.65
CA PHE B 203 -14.57 -4.23 -38.24
C PHE B 203 -13.42 -3.59 -37.49
N ILE B 204 -13.18 -2.30 -37.75
CA ILE B 204 -12.15 -1.56 -37.03
C ILE B 204 -12.75 -0.34 -36.33
N THR B 205 -12.49 -0.22 -35.03
CA THR B 205 -13.03 0.87 -34.23
C THR B 205 -11.88 1.47 -33.45
N THR B 206 -12.08 2.66 -32.91
CA THR B 206 -11.14 3.24 -31.99
C THR B 206 -11.83 3.38 -30.63
N ASP B 207 -11.07 3.68 -29.59
CA ASP B 207 -11.68 3.96 -28.28
C ASP B 207 -10.75 4.90 -27.60
N ALA B 208 -11.31 5.85 -26.87
CA ALA B 208 -10.47 6.85 -26.23
C ALA B 208 -10.53 6.59 -24.72
N VAL B 209 -9.37 6.47 -24.09
CA VAL B 209 -9.29 6.26 -22.65
C VAL B 209 -8.74 7.55 -22.06
N VAL B 210 -9.62 8.49 -21.71
CA VAL B 210 -9.16 9.79 -21.25
C VAL B 210 -9.22 9.85 -19.73
N VAL B 211 -8.11 10.17 -19.10
CA VAL B 211 -8.03 10.12 -17.65
C VAL B 211 -7.58 11.49 -17.07
N GLN B 212 -8.36 11.99 -16.11
CA GLN B 212 -8.00 13.20 -15.40
C GLN B 212 -8.23 12.98 -13.92
N ALA B 213 -7.19 13.27 -13.13
CA ALA B 213 -7.25 13.15 -11.68
C ALA B 213 -7.93 11.85 -11.29
N GLY B 214 -7.36 10.75 -11.77
CA GLY B 214 -7.82 9.40 -11.45
C GLY B 214 -9.21 9.07 -11.93
N HIS B 215 -9.74 9.83 -12.87
CA HIS B 215 -11.05 9.51 -13.44
C HIS B 215 -10.97 9.26 -14.94
N VAL B 216 -11.87 8.41 -15.43
CA VAL B 216 -11.90 8.03 -16.82
C VAL B 216 -13.18 8.57 -17.42
N LEU B 217 -13.08 9.19 -18.61
CA LEU B 217 -14.25 9.76 -19.24
C LEU B 217 -15.11 8.66 -19.88
N MET B 218 -16.41 8.58 -19.56
CA MET B 218 -17.29 7.50 -20.05
C MET B 218 -18.58 8.01 -20.66
N VAL B 219 -19.30 7.14 -21.36
CA VAL B 219 -20.57 7.54 -21.93
C VAL B 219 -21.59 6.45 -21.70
N ARG B 220 -22.85 6.77 -21.92
CA ARG B 220 -23.88 5.77 -21.92
C ARG B 220 -24.12 5.49 -23.39
N ARG B 221 -24.10 4.24 -23.79
CA ARG B 221 -24.22 3.95 -25.20
C ARG B 221 -25.56 4.40 -25.74
N GLN B 222 -25.51 4.89 -26.97
CA GLN B 222 -26.61 5.56 -27.64
C GLN B 222 -27.12 4.73 -28.83
N ALA B 223 -26.23 3.95 -29.42
CA ALA B 223 -26.57 3.07 -30.53
C ALA B 223 -26.57 1.62 -29.99
N LYS B 224 -27.36 0.76 -30.61
CA LYS B 224 -27.28 -0.69 -30.40
C LYS B 224 -25.97 -1.18 -31.00
N PRO B 225 -25.42 -2.29 -30.48
CA PRO B 225 -25.85 -3.08 -29.34
C PRO B 225 -25.33 -2.49 -28.05
N GLY B 226 -25.77 -2.98 -26.90
CA GLY B 226 -25.33 -2.42 -25.63
C GLY B 226 -25.99 -1.12 -25.25
N LEU B 227 -27.10 -0.80 -25.92
CA LEU B 227 -27.82 0.45 -25.68
C LEU B 227 -28.03 0.69 -24.19
N GLY B 228 -27.59 1.83 -23.68
CA GLY B 228 -27.76 2.11 -22.26
C GLY B 228 -26.62 1.67 -21.35
N LEU B 229 -25.65 0.89 -21.87
CA LEU B 229 -24.57 0.46 -21.02
C LEU B 229 -23.53 1.57 -20.96
N ILE B 230 -22.64 1.47 -19.99
CA ILE B 230 -21.55 2.39 -19.82
C ILE B 230 -20.38 1.94 -20.72
N ALA B 231 -19.76 2.86 -21.42
CA ALA B 231 -18.74 2.48 -22.39
C ALA B 231 -17.74 3.58 -22.53
N LEU B 232 -16.62 3.24 -23.15
CA LEU B 232 -15.62 4.23 -23.50
C LEU B 232 -16.18 4.92 -24.74
N PRO B 233 -15.82 6.19 -24.97
CA PRO B 233 -16.18 6.86 -26.21
C PRO B 233 -15.39 6.28 -27.41
N GLY B 234 -16.06 5.67 -28.40
CA GLY B 234 -15.34 5.14 -29.55
C GLY B 234 -16.25 4.79 -30.71
N GLY B 235 -15.71 4.44 -31.85
CA GLY B 235 -16.60 4.11 -32.92
C GLY B 235 -15.87 3.71 -34.16
N PHE B 236 -16.61 3.51 -35.23
CA PHE B 236 -16.05 3.00 -36.48
C PHE B 236 -15.11 3.98 -37.16
N ILE B 237 -13.97 3.48 -37.62
CA ILE B 237 -13.02 4.29 -38.39
C ILE B 237 -13.64 4.64 -39.74
N LYS B 238 -13.56 5.91 -40.15
CA LYS B 238 -14.00 6.30 -41.49
C LYS B 238 -12.90 5.96 -42.52
N GLN B 239 -13.29 5.84 -43.78
CA GLN B 239 -12.40 5.38 -44.86
C GLN B 239 -11.16 6.24 -45.04
N ASN B 240 -11.28 7.54 -44.87
CA ASN B 240 -10.17 8.42 -45.15
C ASN B 240 -9.52 9.09 -43.94
N GLU B 241 -9.77 8.60 -42.73
CA GLU B 241 -9.12 9.16 -41.54
C GLU B 241 -8.13 8.16 -40.93
N THR B 242 -7.10 8.71 -40.31
CA THR B 242 -6.14 7.90 -39.58
C THR B 242 -6.79 7.44 -38.27
N LEU B 243 -6.21 6.44 -37.62
CA LEU B 243 -6.75 5.96 -36.36
C LEU B 243 -6.84 7.08 -35.30
N VAL B 244 -5.80 7.89 -35.15
CA VAL B 244 -5.79 8.98 -34.17
C VAL B 244 -6.91 9.99 -34.45
N GLU B 245 -7.03 10.34 -35.72
N GLU B 245 -7.10 10.38 -35.69
CA GLU B 245 -8.02 11.28 -36.23
CA GLU B 245 -8.11 11.41 -35.94
C GLU B 245 -9.40 10.77 -35.85
C GLU B 245 -9.53 10.82 -35.96
N GLY B 246 -9.67 9.52 -36.19
CA GLY B 246 -10.98 8.90 -35.92
C GLY B 246 -11.21 8.82 -34.40
N MET B 247 -10.15 8.50 -33.65
CA MET B 247 -10.28 8.46 -32.23
C MET B 247 -10.70 9.83 -31.72
N LEU B 248 -10.01 10.88 -32.17
CA LEU B 248 -10.38 12.23 -31.72
C LEU B 248 -11.79 12.65 -32.18
N ARG B 249 -12.15 12.31 -33.42
CA ARG B 249 -13.47 12.66 -33.96
C ARG B 249 -14.53 12.04 -33.09
N GLU B 250 -14.37 10.78 -32.70
CA GLU B 250 -15.36 10.08 -31.90
C GLU B 250 -15.41 10.63 -30.48
N LEU B 251 -14.25 10.94 -29.89
CA LEU B 251 -14.23 11.50 -28.56
C LEU B 251 -15.07 12.78 -28.48
N LYS B 252 -14.89 13.65 -29.48
CA LYS B 252 -15.66 14.88 -29.62
C LYS B 252 -17.13 14.64 -29.90
N GLU B 253 -17.46 13.80 -30.86
CA GLU B 253 -18.88 13.49 -31.11
C GLU B 253 -19.65 13.00 -29.87
N GLU B 254 -19.05 12.13 -29.08
CA GLU B 254 -19.80 11.48 -28.00
C GLU B 254 -19.69 12.16 -26.63
N THR B 255 -18.68 13.00 -26.42
CA THR B 255 -18.52 13.67 -25.14
C THR B 255 -18.53 15.20 -25.17
N ARG B 256 -18.34 15.77 -26.36
CA ARG B 256 -18.08 17.21 -26.55
C ARG B 256 -17.14 17.74 -25.48
N LEU B 257 -16.07 17.01 -25.21
CA LEU B 257 -15.06 17.40 -24.27
C LEU B 257 -14.42 18.76 -24.62
N LYS B 258 -14.46 19.69 -23.68
CA LYS B 258 -13.93 21.05 -23.82
C LYS B 258 -12.42 21.08 -23.63
N VAL B 259 -11.70 20.47 -24.54
CA VAL B 259 -10.23 20.53 -24.52
C VAL B 259 -9.91 20.61 -26.00
N PRO B 260 -9.09 21.60 -26.37
CA PRO B 260 -8.81 21.77 -27.83
C PRO B 260 -8.11 20.55 -28.40
N LEU B 261 -8.39 20.24 -29.66
CA LEU B 261 -7.79 19.09 -30.36
C LEU B 261 -6.27 18.99 -30.27
N PRO B 262 -5.54 20.11 -30.45
CA PRO B 262 -4.08 20.00 -30.30
C PRO B 262 -3.59 19.55 -28.94
N VAL B 263 -4.27 19.91 -27.87
CA VAL B 263 -3.76 19.48 -26.57
C VAL B 263 -4.13 18.01 -26.31
N LEU B 264 -5.31 17.63 -26.77
CA LEU B 264 -5.72 16.24 -26.86
C LEU B 264 -4.68 15.39 -27.62
N ARG B 265 -4.35 15.76 -28.85
N ARG B 265 -4.31 15.84 -28.81
CA ARG B 265 -3.30 15.02 -29.56
CA ARG B 265 -3.33 15.20 -29.69
C ARG B 265 -2.06 14.92 -28.69
C ARG B 265 -1.92 15.09 -29.08
N GLY B 266 -1.57 16.06 -28.24
CA GLY B 266 -0.29 16.10 -27.53
C GLY B 266 -0.38 15.45 -26.17
N SER B 267 -1.55 14.92 -25.80
CA SER B 267 -1.70 14.29 -24.49
C SER B 267 -1.80 12.77 -24.56
N ILE B 268 -1.65 12.21 -25.78
CA ILE B 268 -1.74 10.81 -26.00
C ILE B 268 -0.43 10.25 -25.52
N VAL B 269 -0.42 9.39 -24.52
CA VAL B 269 0.84 8.88 -24.03
C VAL B 269 1.04 7.41 -24.39
N ASP B 270 0.05 6.74 -24.97
CA ASP B 270 0.14 5.31 -25.23
C ASP B 270 -1.06 4.83 -26.00
N SER B 271 -0.93 3.71 -26.70
CA SER B 271 -2.11 3.08 -27.30
C SER B 271 -1.91 1.59 -27.29
N HIS B 272 -2.95 0.83 -27.61
CA HIS B 272 -2.89 -0.64 -27.50
C HIS B 272 -4.05 -1.26 -28.28
N VAL B 273 -3.77 -2.37 -28.96
CA VAL B 273 -4.82 -3.03 -29.73
C VAL B 273 -5.51 -4.17 -28.96
N PHE B 274 -6.84 -4.21 -29.01
CA PHE B 274 -7.64 -5.25 -28.39
C PHE B 274 -8.37 -6.08 -29.43
N ASP B 275 -7.98 -7.36 -29.51
CA ASP B 275 -8.34 -8.22 -30.62
C ASP B 275 -8.92 -9.59 -30.21
N ALA B 276 -9.41 -9.75 -28.98
CA ALA B 276 -10.05 -11.04 -28.59
C ALA B 276 -11.16 -11.30 -29.56
N PRO B 277 -11.09 -12.43 -30.29
CA PRO B 277 -12.07 -12.63 -31.38
C PRO B 277 -13.56 -12.49 -30.99
N GLY B 278 -13.93 -12.74 -29.74
CA GLY B 278 -15.33 -12.64 -29.33
C GLY B 278 -15.65 -11.40 -28.52
N ARG B 279 -14.77 -10.40 -28.53
CA ARG B 279 -15.07 -9.17 -27.77
C ARG B 279 -16.42 -8.54 -28.15
N SER B 280 -16.86 -8.71 -29.38
CA SER B 280 -18.05 -8.02 -29.86
C SER B 280 -18.97 -9.02 -30.55
N LEU B 281 -20.27 -8.93 -30.29
CA LEU B 281 -21.20 -9.88 -30.90
C LEU B 281 -21.66 -9.48 -32.27
N ARG B 282 -21.14 -8.36 -32.76
CA ARG B 282 -21.56 -7.87 -34.05
C ARG B 282 -21.03 -8.71 -35.22
N GLY B 283 -19.96 -9.50 -35.10
CA GLY B 283 -18.72 -9.05 -35.61
C GLY B 283 -17.36 -9.28 -35.12
N ARG B 284 -16.47 -9.75 -35.98
CA ARG B 284 -15.05 -9.63 -35.65
C ARG B 284 -14.67 -8.15 -35.62
N THR B 285 -14.40 -7.61 -34.42
CA THR B 285 -14.14 -6.20 -34.25
C THR B 285 -12.88 -6.01 -33.45
N ILE B 286 -11.90 -5.36 -34.08
CA ILE B 286 -10.64 -5.08 -33.42
C ILE B 286 -10.64 -3.60 -33.13
N THR B 287 -10.37 -3.24 -31.87
CA THR B 287 -10.35 -1.83 -31.53
C THR B 287 -8.95 -1.32 -31.17
N HIS B 288 -8.73 -0.04 -31.47
CA HIS B 288 -7.45 0.60 -31.24
C HIS B 288 -7.71 1.62 -30.16
N ALA B 289 -7.15 1.40 -28.96
CA ALA B 289 -7.44 2.26 -27.82
C ALA B 289 -6.25 3.20 -27.55
N TYR B 290 -6.59 4.48 -27.34
CA TYR B 290 -5.59 5.51 -27.11
C TYR B 290 -5.74 6.05 -25.72
N PHE B 291 -4.62 6.10 -25.00
CA PHE B 291 -4.62 6.55 -23.63
C PHE B 291 -4.21 8.02 -23.61
N ILE B 292 -5.08 8.88 -23.10
CA ILE B 292 -4.79 10.31 -23.06
C ILE B 292 -4.72 10.77 -21.60
N GLN B 293 -3.60 11.35 -21.18
CA GLN B 293 -3.45 11.84 -19.81
C GLN B 293 -3.60 13.37 -19.75
N LEU B 294 -4.66 13.83 -19.10
CA LEU B 294 -4.88 15.27 -18.94
C LEU B 294 -4.22 15.77 -17.66
N PRO B 295 -3.67 16.99 -17.70
CA PRO B 295 -2.97 17.47 -16.45
C PRO B 295 -3.91 17.89 -15.31
N GLY B 296 -3.34 18.01 -14.12
CA GLY B 296 -4.08 18.49 -12.95
C GLY B 296 -4.91 19.75 -13.15
N GLY B 297 -6.00 19.85 -12.40
CA GLY B 297 -6.82 21.04 -12.42
C GLY B 297 -8.29 20.69 -12.31
N GLU B 298 -9.12 21.70 -12.55
CA GLU B 298 -10.53 21.50 -12.49
C GLU B 298 -10.97 20.37 -13.45
N LEU B 299 -11.95 19.59 -13.04
CA LEU B 299 -12.44 18.50 -13.86
C LEU B 299 -12.93 19.03 -15.21
N PRO B 300 -12.46 18.48 -16.36
CA PRO B 300 -12.88 19.05 -17.66
C PRO B 300 -14.35 18.95 -17.96
N ALA B 301 -14.88 20.02 -18.55
CA ALA B 301 -16.28 20.11 -18.95
C ALA B 301 -16.54 19.24 -20.17
N VAL B 302 -17.73 18.66 -20.19
CA VAL B 302 -18.19 17.74 -21.21
C VAL B 302 -19.67 17.98 -21.28
N LYS B 303 -20.33 17.45 -22.30
CA LYS B 303 -21.75 17.66 -22.48
C LYS B 303 -22.56 17.07 -21.31
N GLY B 304 -23.38 17.93 -20.71
CA GLY B 304 -24.40 17.53 -19.74
C GLY B 304 -25.74 17.55 -20.45
N GLY B 305 -26.03 16.49 -21.19
CA GLY B 305 -27.17 16.49 -22.10
C GLY B 305 -28.49 16.25 -21.40
N ASP B 306 -28.69 15.03 -20.94
CA ASP B 306 -29.79 14.73 -20.03
C ASP B 306 -29.37 13.72 -18.96
N ASP B 307 -29.02 12.52 -19.40
CA ASP B 307 -28.78 11.41 -18.48
C ASP B 307 -28.47 10.13 -19.23
N ALA B 308 -29.38 9.73 -20.12
CA ALA B 308 -29.07 8.70 -21.14
C ALA B 308 -28.26 9.27 -22.32
N GLN B 309 -28.21 10.60 -22.42
CA GLN B 309 -27.48 11.31 -23.49
C GLN B 309 -26.07 11.75 -23.07
N LYS B 310 -25.68 11.47 -21.83
CA LYS B 310 -24.54 12.15 -21.26
C LYS B 310 -23.22 11.38 -21.23
N ALA B 311 -22.22 12.10 -20.74
CA ALA B 311 -20.86 11.67 -20.58
C ALA B 311 -20.48 12.06 -19.16
N TRP B 312 -19.59 11.32 -18.53
CA TRP B 312 -19.18 11.70 -17.17
C TRP B 312 -17.90 10.99 -16.78
N TRP B 313 -17.35 11.41 -15.65
CA TRP B 313 -16.07 10.99 -15.20
C TRP B 313 -16.24 9.96 -14.09
N MET B 314 -15.51 8.86 -14.18
CA MET B 314 -15.66 7.75 -13.23
C MET B 314 -14.32 7.31 -12.72
N SER B 315 -14.23 7.19 -11.38
CA SER B 315 -13.02 6.70 -10.72
C SER B 315 -12.99 5.20 -10.88
N LEU B 316 -11.89 4.55 -10.56
CA LEU B 316 -11.84 3.09 -10.59
C LEU B 316 -12.87 2.49 -9.64
N ALA B 317 -13.06 3.13 -8.48
CA ALA B 317 -14.03 2.66 -7.53
C ALA B 317 -15.39 2.68 -8.15
N ASP B 318 -15.74 3.79 -8.81
CA ASP B 318 -17.04 3.84 -9.49
C ASP B 318 -17.07 2.70 -10.53
N LEU B 319 -15.95 2.50 -11.22
CA LEU B 319 -15.92 1.49 -12.26
C LEU B 319 -16.17 0.07 -11.74
N TYR B 320 -15.43 -0.35 -10.71
CA TYR B 320 -15.65 -1.65 -10.06
C TYR B 320 -17.06 -1.76 -9.50
N ALA B 321 -17.53 -0.70 -8.86
CA ALA B 321 -18.89 -0.67 -8.31
C ALA B 321 -19.95 -0.98 -9.36
N GLN B 322 -19.71 -0.57 -10.61
CA GLN B 322 -20.67 -0.80 -11.71
C GLN B 322 -20.15 -1.68 -12.87
N GLU B 323 -19.18 -2.51 -12.53
CA GLU B 323 -18.60 -3.51 -13.41
C GLU B 323 -19.63 -4.14 -14.37
N GLU B 324 -20.79 -4.55 -13.89
CA GLU B 324 -21.69 -5.19 -14.80
C GLU B 324 -22.52 -4.30 -15.69
N GLN B 325 -22.29 -2.99 -15.64
CA GLN B 325 -22.89 -2.08 -16.60
C GLN B 325 -21.90 -1.73 -17.73
N ILE B 326 -20.67 -2.20 -17.68
CA ILE B 326 -19.69 -1.82 -18.69
C ILE B 326 -19.75 -2.69 -19.96
N TYR B 327 -19.80 -2.02 -21.12
CA TYR B 327 -19.91 -2.64 -22.43
C TYR B 327 -18.72 -3.50 -22.82
N GLU B 328 -19.00 -4.63 -23.46
CA GLU B 328 -18.00 -5.52 -24.07
C GLU B 328 -16.78 -5.61 -23.19
N ASP B 329 -15.58 -5.33 -23.67
CA ASP B 329 -14.40 -5.53 -22.88
C ASP B 329 -13.83 -4.20 -22.41
N HIS B 330 -14.66 -3.17 -22.34
CA HIS B 330 -14.11 -1.87 -21.98
C HIS B 330 -13.46 -1.81 -20.58
N PHE B 331 -13.90 -2.66 -19.64
CA PHE B 331 -13.33 -2.59 -18.32
C PHE B 331 -11.92 -3.11 -18.37
N GLN B 332 -11.72 -4.07 -19.25
CA GLN B 332 -10.42 -4.63 -19.49
C GLN B 332 -9.46 -3.63 -20.15
N ILE B 333 -9.98 -2.84 -21.09
CA ILE B 333 -9.17 -1.82 -21.74
C ILE B 333 -8.68 -0.82 -20.69
N ILE B 334 -9.59 -0.31 -19.87
CA ILE B 334 -9.19 0.59 -18.75
C ILE B 334 -8.13 -0.05 -17.85
N GLN B 335 -8.35 -1.30 -17.44
CA GLN B 335 -7.42 -2.01 -16.55
C GLN B 335 -6.06 -2.16 -17.16
N HIS B 336 -6.01 -2.36 -18.49
CA HIS B 336 -4.72 -2.43 -19.16
C HIS B 336 -3.93 -1.13 -18.93
N PHE B 337 -4.57 0.05 -19.09
CA PHE B 337 -3.82 1.29 -18.96
C PHE B 337 -3.56 1.67 -17.51
N VAL B 338 -4.45 1.28 -16.61
CA VAL B 338 -4.18 1.34 -15.16
C VAL B 338 -2.93 0.57 -14.69
N SER B 339 -2.58 -0.51 -15.39
CA SER B 339 -1.35 -1.28 -15.10
C SER B 339 -0.09 -0.53 -15.60
N LYS B 340 -0.33 0.38 -16.55
CA LYS B 340 0.69 1.25 -17.11
C LYS B 340 1.04 2.42 -16.17
N VAL B 341 0.13 2.74 -15.24
CA VAL B 341 0.21 3.89 -14.32
C VAL B 341 0.05 3.40 -12.88
N LYS C 6 51.92 -24.11 15.22
CA LYS C 6 50.71 -24.92 14.87
C LYS C 6 49.92 -24.35 13.66
N TYR C 7 49.96 -23.03 13.48
CA TYR C 7 49.40 -22.33 12.30
C TYR C 7 50.37 -21.24 11.85
N GLN C 8 50.42 -20.97 10.56
CA GLN C 8 51.33 -19.93 10.02
C GLN C 8 50.92 -18.51 10.40
N TYR C 9 49.62 -18.23 10.27
CA TYR C 9 49.05 -16.90 10.54
C TYR C 9 47.75 -16.98 11.34
N GLY C 10 47.54 -16.00 12.21
CA GLY C 10 46.37 -15.96 13.11
C GLY C 10 45.76 -14.58 13.22
N ILE C 11 44.44 -14.53 13.07
CA ILE C 11 43.72 -13.26 12.96
C ILE C 11 42.68 -13.06 14.07
N TYR C 12 42.74 -11.88 14.69
CA TYR C 12 41.81 -11.54 15.77
C TYR C 12 41.32 -10.13 15.56
N ILE C 13 40.01 -10.03 15.34
CA ILE C 13 39.36 -8.77 15.01
C ILE C 13 38.59 -8.27 16.22
N GLY C 14 38.70 -6.97 16.47
CA GLY C 14 37.87 -6.36 17.50
C GLY C 14 37.90 -4.85 17.54
N ARG C 15 36.96 -4.33 18.31
CA ARG C 15 36.93 -2.91 18.63
C ARG C 15 37.89 -2.61 19.77
N PHE C 16 37.96 -3.54 20.73
CA PHE C 16 38.80 -3.43 21.93
C PHE C 16 38.61 -2.05 22.57
N GLN C 17 37.43 -1.84 23.12
CA GLN C 17 37.10 -0.53 23.66
C GLN C 17 36.58 -0.66 25.09
N PRO C 18 37.49 -0.76 26.07
CA PRO C 18 38.94 -0.86 25.91
C PRO C 18 39.39 -2.33 25.83
N PHE C 19 40.69 -2.53 25.58
CA PHE C 19 41.29 -3.86 25.62
C PHE C 19 41.21 -4.39 27.07
N HIS C 20 40.58 -5.56 27.24
CA HIS C 20 40.37 -6.12 28.57
C HIS C 20 40.98 -7.52 28.75
N LEU C 21 40.88 -8.04 29.95
CA LEU C 21 41.60 -9.23 30.28
C LEU C 21 41.01 -10.23 29.34
N GLY C 22 39.86 -9.88 28.81
CA GLY C 22 39.01 -10.88 28.21
C GLY C 22 39.44 -11.05 26.79
N HIS C 23 39.97 -9.97 26.25
CA HIS C 23 40.65 -10.03 24.99
C HIS C 23 41.94 -10.74 25.21
N LEU C 24 42.75 -10.17 26.08
CA LEU C 24 44.10 -10.68 26.32
C LEU C 24 44.19 -12.20 26.32
N ARG C 25 43.21 -12.86 26.93
CA ARG C 25 43.24 -14.32 27.03
C ARG C 25 43.16 -14.97 25.66
N THR C 26 42.29 -14.44 24.79
CA THR C 26 42.16 -14.88 23.39
C THR C 26 43.41 -14.53 22.58
N LEU C 27 43.95 -13.34 22.83
CA LEU C 27 45.21 -12.94 22.24
C LEU C 27 46.31 -13.94 22.61
N ASN C 28 46.36 -14.31 23.89
CA ASN C 28 47.30 -15.33 24.38
C ASN C 28 47.07 -16.65 23.69
N LEU C 29 45.80 -17.06 23.62
CA LEU C 29 45.42 -18.30 22.96
C LEU C 29 45.80 -18.26 21.48
N ALA C 30 45.87 -17.05 20.92
CA ALA C 30 46.26 -16.87 19.53
C ALA C 30 47.76 -17.11 19.36
N LEU C 31 48.58 -16.42 20.16
CA LEU C 31 50.03 -16.58 20.11
C LEU C 31 50.46 -18.04 20.21
N GLU C 32 49.70 -18.83 20.96
CA GLU C 32 49.93 -20.28 21.10
C GLU C 32 49.64 -21.06 19.82
N LYS C 33 48.48 -20.80 19.21
CA LYS C 33 47.99 -21.60 18.06
C LYS C 33 48.58 -21.25 16.68
N ALA C 34 49.18 -20.08 16.55
CA ALA C 34 49.76 -19.63 15.28
C ALA C 34 51.00 -18.78 15.52
N GLU C 35 51.95 -18.86 14.60
CA GLU C 35 53.25 -18.19 14.80
C GLU C 35 53.21 -16.67 14.59
N GLN C 36 52.46 -16.25 13.58
CA GLN C 36 52.25 -14.83 13.33
C GLN C 36 50.82 -14.46 13.76
N VAL C 37 50.69 -13.33 14.45
CA VAL C 37 49.36 -12.89 14.88
C VAL C 37 49.00 -11.51 14.34
N ILE C 38 47.80 -11.44 13.76
CA ILE C 38 47.30 -10.22 13.15
C ILE C 38 46.09 -9.73 13.92
N ILE C 39 46.21 -8.50 14.39
CA ILE C 39 45.18 -7.84 15.17
C ILE C 39 44.57 -6.73 14.32
N ILE C 40 43.28 -6.91 14.00
CA ILE C 40 42.55 -5.95 13.21
C ILE C 40 41.71 -5.06 14.09
N LEU C 41 42.11 -3.80 14.12
CA LEU C 41 41.39 -2.77 14.84
C LEU C 41 40.22 -2.30 14.01
N GLY C 42 39.02 -2.76 14.38
CA GLY C 42 37.76 -2.31 13.78
C GLY C 42 37.47 -0.85 14.07
N SER C 43 36.40 -0.34 13.47
CA SER C 43 35.87 1.02 13.72
C SER C 43 36.84 2.17 13.54
N HIS C 44 37.83 1.96 12.67
CA HIS C 44 38.83 2.97 12.33
C HIS C 44 38.15 4.25 11.84
N ARG C 45 38.55 5.38 12.42
CA ARG C 45 38.11 6.72 12.01
C ARG C 45 36.67 7.09 12.36
N VAL C 46 35.95 6.22 13.06
CA VAL C 46 34.64 6.54 13.65
C VAL C 46 34.80 7.65 14.69
N ALA C 47 34.02 8.73 14.57
CA ALA C 47 33.99 9.78 15.60
C ALA C 47 33.95 9.15 16.98
N ALA C 48 34.66 9.73 17.93
CA ALA C 48 34.67 9.21 19.31
C ALA C 48 33.32 9.44 19.99
N ASP C 49 32.79 8.37 20.57
CA ASP C 49 31.53 8.41 21.30
C ASP C 49 31.56 7.36 22.42
N THR C 50 30.52 7.31 23.23
CA THR C 50 30.49 6.44 24.40
C THR C 50 30.58 4.93 24.08
N ARG C 51 30.38 4.53 22.83
CA ARG C 51 30.59 3.14 22.41
C ARG C 51 32.04 2.93 21.93
N ASN C 52 32.67 4.01 21.45
CA ASN C 52 34.01 3.98 20.83
C ASN C 52 34.85 5.19 21.21
N PRO C 53 35.33 5.23 22.47
CA PRO C 53 36.05 6.38 23.05
C PRO C 53 37.47 6.63 22.50
N TRP C 54 38.21 5.57 22.17
CA TRP C 54 39.61 5.74 21.75
C TRP C 54 39.87 5.53 20.26
N ARG C 55 40.44 6.55 19.64
CA ARG C 55 41.04 6.43 18.32
C ARG C 55 41.85 5.15 18.21
N SER C 56 42.02 4.67 16.99
CA SER C 56 42.77 3.43 16.74
C SER C 56 44.29 3.51 16.99
N PRO C 57 44.93 4.68 16.81
CA PRO C 57 46.35 4.76 17.19
C PRO C 57 46.49 4.54 18.69
N GLU C 58 45.59 5.18 19.44
CA GLU C 58 45.52 5.08 20.89
C GLU C 58 45.31 3.66 21.33
N ARG C 59 44.42 2.95 20.65
CA ARG C 59 44.18 1.56 20.98
C ARG C 59 45.40 0.69 20.70
N MET C 60 46.17 1.04 19.66
CA MET C 60 47.43 0.35 19.34
C MET C 60 48.40 0.50 20.52
N ALA C 61 48.63 1.76 20.92
CA ALA C 61 49.42 2.11 22.09
C ALA C 61 49.06 1.24 23.31
N MET C 62 47.77 1.21 23.67
CA MET C 62 47.30 0.40 24.80
C MET C 62 47.71 -1.06 24.70
N ILE C 63 47.36 -1.72 23.60
CA ILE C 63 47.62 -3.16 23.45
C ILE C 63 49.12 -3.44 23.35
N GLU C 64 49.89 -2.41 23.01
CA GLU C 64 51.34 -2.55 22.95
C GLU C 64 51.94 -2.61 24.35
N ALA C 65 51.60 -1.62 25.18
CA ALA C 65 52.09 -1.57 26.57
C ALA C 65 51.93 -2.92 27.31
N CYS C 66 50.84 -3.62 27.03
CA CYS C 66 50.54 -4.92 27.66
C CYS C 66 51.38 -6.07 27.14
N LEU C 67 52.33 -5.75 26.26
CA LEU C 67 53.16 -6.77 25.66
C LEU C 67 54.64 -6.41 25.74
N SER C 68 55.42 -7.44 25.99
CA SER C 68 56.87 -7.39 26.00
C SER C 68 57.41 -7.62 24.61
N PRO C 69 58.46 -6.91 24.28
CA PRO C 69 58.86 -6.76 22.89
C PRO C 69 59.11 -8.07 22.19
N GLN C 70 59.76 -9.00 22.85
CA GLN C 70 59.84 -10.28 22.21
C GLN C 70 58.53 -10.49 21.52
N ILE C 71 57.43 -10.26 22.23
CA ILE C 71 56.13 -10.73 21.78
C ILE C 71 55.61 -9.72 20.73
N LEU C 72 55.57 -8.45 21.13
CA LEU C 72 55.22 -7.28 20.30
C LEU C 72 55.84 -7.29 18.89
N LYS C 73 56.90 -8.09 18.70
CA LYS C 73 57.63 -8.13 17.44
C LYS C 73 57.17 -9.30 16.55
N ARG C 74 56.24 -10.12 17.05
CA ARG C 74 55.54 -11.09 16.20
C ARG C 74 54.02 -10.81 16.10
N VAL C 75 53.68 -9.52 16.21
CA VAL C 75 52.30 -9.04 16.15
C VAL C 75 52.19 -7.80 15.26
N HIS C 76 51.28 -7.86 14.29
CA HIS C 76 51.06 -6.74 13.37
C HIS C 76 49.68 -6.09 13.56
N PHE C 77 49.64 -4.76 13.44
CA PHE C 77 48.40 -4.02 13.66
C PHE C 77 47.74 -3.43 12.40
N LEU C 78 46.49 -3.83 12.15
CA LEU C 78 45.74 -3.35 10.98
C LEU C 78 44.43 -2.65 11.33
N THR C 79 44.22 -1.48 10.73
CA THR C 79 43.00 -0.71 10.92
C THR C 79 42.00 -0.90 9.76
N VAL C 80 40.72 -0.98 10.10
CA VAL C 80 39.65 -1.07 9.11
C VAL C 80 38.54 -0.09 9.47
N ARG C 81 38.09 0.66 8.47
CA ARG C 81 36.96 1.57 8.64
C ARG C 81 35.67 0.80 8.79
N ASP C 82 34.61 1.54 9.12
CA ASP C 82 33.26 0.99 9.12
C ASP C 82 32.49 1.52 7.90
N TRP C 83 31.76 0.62 7.26
CA TRP C 83 30.73 0.99 6.28
C TRP C 83 29.52 0.19 6.69
N LEU C 84 28.70 0.82 7.54
CA LEU C 84 27.61 0.16 8.24
C LEU C 84 26.58 -0.51 7.34
N TYR C 85 26.48 -0.02 6.11
CA TYR C 85 25.47 -0.52 5.17
C TYR C 85 26.03 -1.37 4.03
N SER C 86 27.35 -1.48 3.95
CA SER C 86 27.95 -2.39 2.98
C SER C 86 28.97 -3.31 3.60
N ASP C 87 28.51 -4.50 3.99
CA ASP C 87 29.37 -5.55 4.50
C ASP C 87 30.41 -6.06 3.48
N ASN C 88 30.01 -6.20 2.23
CA ASN C 88 30.93 -6.61 1.20
C ASN C 88 32.13 -5.71 1.16
N LEU C 89 31.89 -4.40 1.08
CA LEU C 89 32.99 -3.43 1.06
C LEU C 89 33.97 -3.70 2.21
N TRP C 90 33.42 -3.98 3.40
CA TRP C 90 34.20 -4.23 4.62
C TRP C 90 34.98 -5.53 4.51
N LEU C 91 34.31 -6.65 4.25
CA LEU C 91 35.00 -7.93 4.05
C LEU C 91 36.19 -7.81 3.13
N ALA C 92 35.97 -7.11 2.02
CA ALA C 92 37.00 -6.87 1.04
C ALA C 92 38.18 -6.12 1.67
N ALA C 93 37.90 -4.98 2.31
CA ALA C 93 38.94 -4.14 2.89
C ALA C 93 39.71 -4.92 3.92
N VAL C 94 39.00 -5.80 4.62
CA VAL C 94 39.62 -6.64 5.62
C VAL C 94 40.60 -7.58 4.91
N GLN C 95 40.13 -8.39 3.97
CA GLN C 95 41.01 -9.42 3.38
C GLN C 95 42.14 -8.87 2.53
N GLN C 96 41.95 -7.68 1.97
CA GLN C 96 43.01 -6.98 1.25
C GLN C 96 44.11 -6.53 2.21
N GLN C 97 43.73 -5.95 3.33
CA GLN C 97 44.71 -5.56 4.36
C GLN C 97 45.42 -6.75 4.96
N VAL C 98 44.68 -7.84 5.14
CA VAL C 98 45.26 -9.12 5.54
C VAL C 98 46.43 -9.51 4.63
N LEU C 99 46.22 -9.43 3.30
CA LEU C 99 47.22 -9.88 2.32
C LEU C 99 48.55 -9.13 2.43
N LYS C 100 48.48 -7.85 2.78
CA LYS C 100 49.70 -7.08 3.04
C LYS C 100 50.68 -7.89 3.90
N ILE C 101 50.16 -8.59 4.91
CA ILE C 101 50.99 -9.37 5.82
C ILE C 101 51.05 -10.85 5.42
N THR C 102 49.89 -11.42 5.15
CA THR C 102 49.74 -12.83 4.76
C THR C 102 50.49 -13.19 3.48
N GLY C 103 50.78 -12.17 2.66
CA GLY C 103 51.52 -12.33 1.41
C GLY C 103 50.75 -13.11 0.37
N GLY C 104 49.88 -14.02 0.85
CA GLY C 104 49.06 -14.87 0.00
C GLY C 104 48.93 -16.27 0.56
N SER C 105 49.30 -16.43 1.84
CA SER C 105 49.28 -17.73 2.53
C SER C 105 47.89 -18.39 2.63
N ASN C 106 47.86 -19.73 2.71
CA ASN C 106 46.61 -20.50 2.84
C ASN C 106 46.52 -21.27 4.16
N SER C 107 47.42 -20.95 5.10
CA SER C 107 47.43 -21.52 6.44
C SER C 107 47.09 -20.41 7.45
N VAL C 108 45.79 -20.14 7.59
CA VAL C 108 45.29 -19.00 8.38
C VAL C 108 44.11 -19.40 9.28
N VAL C 109 44.05 -18.77 10.45
CA VAL C 109 42.99 -18.99 11.42
C VAL C 109 42.46 -17.67 12.02
N VAL C 110 41.16 -17.59 12.17
CA VAL C 110 40.49 -16.45 12.78
C VAL C 110 39.93 -16.90 14.11
N LEU C 111 40.18 -16.11 15.15
CA LEU C 111 39.73 -16.44 16.50
C LEU C 111 38.71 -15.44 17.06
N GLY C 112 37.80 -15.96 17.88
CA GLY C 112 36.75 -15.18 18.55
C GLY C 112 35.58 -16.10 18.90
N HIS C 113 34.42 -15.51 19.18
CA HIS C 113 33.19 -16.30 19.26
C HIS C 113 31.95 -15.42 19.13
N ARG C 114 30.88 -15.97 18.58
CA ARG C 114 29.61 -15.24 18.46
C ARG C 114 29.03 -14.92 19.83
N LYS C 115 29.27 -13.69 20.30
CA LYS C 115 28.74 -13.23 21.59
C LYS C 115 27.27 -12.81 21.50
N ASP C 116 26.93 -12.09 20.42
CA ASP C 116 25.58 -11.52 20.25
C ASP C 116 25.16 -11.49 18.78
N ALA C 117 24.45 -10.43 18.40
CA ALA C 117 24.06 -10.19 17.02
C ALA C 117 25.19 -9.56 16.21
N SER C 118 25.96 -8.67 16.84
CA SER C 118 27.02 -7.92 16.14
C SER C 118 28.28 -8.75 15.87
N SER C 119 28.20 -10.04 16.15
CA SER C 119 29.32 -10.97 15.95
C SER C 119 29.06 -11.91 14.76
N TYR C 120 28.03 -11.59 13.99
CA TYR C 120 27.62 -12.32 12.79
C TYR C 120 28.73 -12.43 11.71
N TYR C 121 29.74 -11.58 11.83
CA TYR C 121 30.77 -11.45 10.80
C TYR C 121 31.80 -12.57 10.82
N LEU C 122 31.52 -13.63 11.57
CA LEU C 122 32.46 -14.74 11.74
C LEU C 122 32.00 -16.04 11.05
N ASN C 123 30.93 -15.96 10.27
CA ASN C 123 30.53 -17.08 9.41
C ASN C 123 31.20 -16.95 8.05
N LEU C 124 31.08 -15.76 7.46
CA LEU C 124 32.02 -15.26 6.46
C LEU C 124 33.14 -14.72 7.34
N PHE C 125 34.39 -15.15 7.17
CA PHE C 125 34.99 -15.70 5.94
C PHE C 125 35.09 -17.21 5.89
N PRO C 126 34.61 -17.81 4.78
CA PRO C 126 34.64 -19.26 4.59
C PRO C 126 35.98 -19.79 4.04
N GLN C 127 36.81 -18.88 3.52
CA GLN C 127 38.09 -19.24 2.91
C GLN C 127 39.18 -19.57 3.94
N TRP C 128 38.94 -19.19 5.19
CA TRP C 128 39.88 -19.48 6.26
C TRP C 128 39.29 -20.44 7.28
N ASP C 129 40.12 -20.87 8.22
CA ASP C 129 39.66 -21.70 9.34
C ASP C 129 39.27 -20.86 10.54
N TYR C 130 38.17 -21.27 11.18
CA TYR C 130 37.65 -20.54 12.33
C TYR C 130 37.66 -21.41 13.58
N LEU C 131 38.34 -20.94 14.61
CA LEU C 131 38.33 -21.63 15.90
C LEU C 131 37.58 -20.80 16.93
N GLU C 132 36.55 -21.40 17.51
CA GLU C 132 35.71 -20.71 18.47
C GLU C 132 36.28 -20.81 19.88
N THR C 133 36.44 -19.66 20.53
CA THR C 133 36.76 -19.62 21.95
C THR C 133 35.46 -19.33 22.68
N GLY C 134 35.54 -18.53 23.75
CA GLY C 134 34.36 -18.03 24.47
C GLY C 134 33.40 -19.12 24.91
N HIS C 135 32.39 -18.77 25.71
CA HIS C 135 32.26 -17.44 26.31
C HIS C 135 33.17 -17.35 27.54
N TYR C 136 33.78 -16.18 27.77
CA TYR C 136 34.60 -15.93 28.98
C TYR C 136 33.83 -15.09 29.99
N PRO C 137 33.03 -15.76 30.86
CA PRO C 137 32.00 -15.07 31.64
C PRO C 137 32.44 -14.61 33.03
N ASP C 138 32.43 -13.30 33.27
CA ASP C 138 32.33 -12.34 32.18
C ASP C 138 33.10 -11.04 32.42
N PHE C 139 33.82 -10.67 31.37
CA PHE C 139 34.35 -9.33 31.19
C PHE C 139 33.46 -8.70 30.11
N SER C 140 33.06 -7.45 30.33
CA SER C 140 32.08 -6.78 29.46
C SER C 140 32.39 -5.29 29.31
N SER C 141 32.86 -4.93 28.11
CA SER C 141 33.30 -3.57 27.80
C SER C 141 32.20 -2.57 28.00
N THR C 142 30.97 -2.99 27.71
CA THR C 142 29.80 -2.15 27.93
C THR C 142 29.75 -1.81 29.42
N ALA C 143 29.82 -2.87 30.25
CA ALA C 143 29.89 -2.76 31.71
C ALA C 143 31.11 -1.98 32.20
N ILE C 144 32.26 -2.22 31.54
CA ILE C 144 33.52 -1.56 31.86
C ILE C 144 33.49 -0.06 31.49
N ARG C 145 33.02 0.26 30.29
CA ARG C 145 32.88 1.67 29.86
C ARG C 145 31.86 2.37 30.76
N GLY C 146 30.81 1.65 31.12
CA GLY C 146 29.82 2.10 32.10
C GLY C 146 30.47 2.46 33.44
N ALA C 147 31.12 1.46 34.06
CA ALA C 147 31.91 1.70 35.27
C ALA C 147 32.86 2.90 35.09
N TYR C 148 33.71 2.83 34.07
CA TYR C 148 34.71 3.87 33.81
C TYR C 148 34.16 5.29 33.71
N PHE C 149 32.95 5.42 33.18
CA PHE C 149 32.38 6.74 32.92
C PHE C 149 31.65 7.30 34.11
N GLU C 150 31.18 6.41 34.97
CA GLU C 150 30.59 6.83 36.24
C GLU C 150 31.67 7.25 37.27
N GLY C 151 32.69 6.42 37.42
CA GLY C 151 33.68 6.62 38.46
C GLY C 151 33.83 5.41 39.36
N LYS C 152 33.02 4.39 39.12
CA LYS C 152 33.05 3.17 39.92
C LYS C 152 34.32 2.37 39.64
N GLU C 153 35.44 2.87 40.13
CA GLU C 153 36.74 2.30 39.79
C GLU C 153 36.83 0.83 40.17
N GLY C 154 36.23 0.49 41.31
CA GLY C 154 36.31 -0.88 41.82
C GLY C 154 35.74 -1.89 40.85
N ASP C 155 34.89 -1.42 39.94
CA ASP C 155 34.19 -2.31 39.01
C ASP C 155 34.98 -2.74 37.76
N TYR C 156 36.13 -2.11 37.49
CA TYR C 156 36.90 -2.42 36.27
C TYR C 156 38.42 -2.65 36.40
N LEU C 157 39.02 -2.22 37.52
CA LEU C 157 40.46 -2.39 37.73
C LEU C 157 40.81 -3.86 37.77
N ASP C 158 39.95 -4.63 38.41
CA ASP C 158 40.09 -6.08 38.51
C ASP C 158 39.75 -6.79 37.19
N LYS C 159 39.36 -6.00 36.19
CA LYS C 159 38.82 -6.52 34.93
C LYS C 159 39.76 -6.30 33.73
N VAL C 160 40.62 -5.28 33.81
CA VAL C 160 41.53 -4.97 32.71
C VAL C 160 43.01 -5.10 33.12
N PRO C 161 43.89 -5.48 32.17
CA PRO C 161 45.34 -5.53 32.39
C PRO C 161 45.90 -4.27 33.05
N PRO C 162 46.96 -4.43 33.87
CA PRO C 162 47.59 -3.33 34.62
C PRO C 162 47.98 -2.12 33.75
N ALA C 163 48.52 -2.39 32.56
CA ALA C 163 48.93 -1.34 31.62
C ALA C 163 47.74 -0.51 31.09
N ILE C 164 46.64 -1.21 30.80
CA ILE C 164 45.36 -0.60 30.37
C ILE C 164 44.87 0.37 31.45
N ALA C 165 44.76 -0.16 32.67
CA ALA C 165 44.37 0.59 33.85
C ALA C 165 45.18 1.87 33.98
N ASP C 166 46.49 1.75 33.75
CA ASP C 166 47.41 2.88 33.79
C ASP C 166 47.05 3.95 32.76
N TYR C 167 46.72 3.52 31.55
CA TYR C 167 46.39 4.44 30.46
C TYR C 167 45.02 5.10 30.68
N LEU C 168 44.06 4.29 31.13
CA LEU C 168 42.75 4.78 31.50
C LEU C 168 42.89 5.86 32.56
N GLN C 169 43.64 5.54 33.62
CA GLN C 169 44.00 6.48 34.67
C GLN C 169 44.50 7.83 34.13
N THR C 170 45.50 7.81 33.26
CA THR C 170 46.04 9.03 32.68
C THR C 170 44.97 9.75 31.87
N PHE C 171 44.17 8.98 31.14
CA PHE C 171 43.14 9.52 30.27
C PHE C 171 42.07 10.30 31.02
N GLN C 172 41.78 9.91 32.27
CA GLN C 172 40.76 10.63 33.06
C GLN C 172 41.00 12.13 33.04
N LYS C 173 42.26 12.52 32.87
CA LYS C 173 42.61 13.94 32.85
C LYS C 173 42.22 14.60 31.53
N SER C 174 42.03 13.78 30.51
CA SER C 174 41.81 14.20 29.11
C SER C 174 40.67 15.19 28.93
N GLU C 175 40.84 16.08 27.95
CA GLU C 175 39.78 17.02 27.55
C GLU C 175 38.54 16.29 26.99
N ARG C 176 38.77 15.11 26.41
CA ARG C 176 37.73 14.26 25.86
C ARG C 176 36.92 13.56 26.96
N TYR C 177 37.62 12.97 27.95
CA TYR C 177 36.97 12.26 29.06
C TYR C 177 35.89 13.09 29.76
N ILE C 178 36.11 14.39 29.88
CA ILE C 178 35.09 15.27 30.41
C ILE C 178 33.84 15.21 29.51
N ALA C 179 34.03 15.53 28.22
CA ALA C 179 32.92 15.61 27.25
C ALA C 179 32.27 14.24 27.03
N LEU C 180 33.07 13.19 27.08
CA LEU C 180 32.56 11.82 27.00
C LEU C 180 31.80 11.39 28.23
N CYS C 181 32.21 11.89 29.40
CA CYS C 181 31.48 11.64 30.65
C CYS C 181 30.09 12.26 30.60
N ASP C 182 30.08 13.53 30.21
CA ASP C 182 28.89 14.32 30.03
C ASP C 182 27.89 13.64 29.07
N GLU C 183 28.40 13.10 27.97
CA GLU C 183 27.62 12.35 27.00
C GLU C 183 27.00 11.10 27.65
N TYR C 184 27.81 10.37 28.42
CA TYR C 184 27.30 9.17 29.07
C TYR C 184 26.13 9.47 30.00
N GLN C 185 26.19 10.62 30.65
CA GLN C 185 25.17 11.02 31.61
C GLN C 185 23.90 11.34 30.89
N PHE C 186 24.03 12.12 29.82
CA PHE C 186 22.91 12.48 28.98
C PHE C 186 22.17 11.27 28.40
N LEU C 187 22.90 10.30 27.87
CA LEU C 187 22.26 9.12 27.29
C LEU C 187 21.58 8.30 28.34
N GLN C 188 22.26 8.09 29.47
CA GLN C 188 21.69 7.27 30.53
C GLN C 188 20.38 7.88 31.06
N ALA C 189 20.36 9.22 31.12
CA ALA C 189 19.18 9.95 31.51
C ALA C 189 18.09 9.81 30.45
N TYR C 190 18.46 10.05 29.20
CA TYR C 190 17.54 9.95 28.07
C TYR C 190 16.87 8.58 28.03
N LYS C 191 17.64 7.52 28.17
CA LYS C 191 17.06 6.20 28.16
C LYS C 191 16.15 5.98 29.36
N GLN C 192 16.64 6.41 30.53
CA GLN C 192 15.91 6.35 31.81
C GLN C 192 14.53 7.01 31.72
N ALA C 193 14.45 8.15 31.04
CA ALA C 193 13.17 8.86 30.92
C ALA C 193 12.07 8.02 30.23
N TRP C 194 12.46 6.92 29.59
CA TRP C 194 11.51 6.07 28.85
C TRP C 194 11.20 4.76 29.56
N ALA C 195 11.66 4.64 30.81
CA ALA C 195 11.50 3.40 31.55
C ALA C 195 10.04 3.05 31.83
N THR C 196 9.18 4.06 31.97
CA THR C 196 7.74 3.80 32.21
C THR C 196 6.95 3.41 30.95
N ALA C 197 7.62 3.37 29.79
CA ALA C 197 6.97 3.02 28.53
C ALA C 197 6.55 1.55 28.50
N PRO C 198 5.37 1.25 27.95
CA PRO C 198 4.93 -0.16 27.88
C PRO C 198 5.75 -0.99 26.92
N TYR C 199 6.43 -0.31 25.99
CA TYR C 199 7.27 -0.98 25.00
C TYR C 199 8.49 -0.15 24.76
N ALA C 200 9.56 -0.79 24.29
CA ALA C 200 10.79 -0.07 23.94
C ALA C 200 10.47 1.03 22.92
N PRO C 201 10.94 2.25 23.15
CA PRO C 201 10.51 3.32 22.24
C PRO C 201 11.20 3.22 20.88
N THR C 202 10.73 4.00 19.91
CA THR C 202 11.18 3.84 18.53
C THR C 202 11.21 5.23 17.96
N PHE C 203 12.39 5.73 17.60
CA PHE C 203 12.52 7.13 17.19
C PHE C 203 12.61 7.31 15.65
N ILE C 204 11.92 8.32 15.15
CA ILE C 204 11.86 8.59 13.73
C ILE C 204 12.44 9.97 13.48
N THR C 205 13.39 10.05 12.56
CA THR C 205 14.02 11.35 12.26
C THR C 205 14.08 11.58 10.75
N THR C 206 14.27 12.81 10.33
CA THR C 206 14.56 13.06 8.94
C THR C 206 15.95 13.65 8.80
N ASP C 207 16.58 13.44 7.64
CA ASP C 207 17.84 14.13 7.34
C ASP C 207 17.75 14.68 5.97
N ALA C 208 18.27 15.88 5.78
CA ALA C 208 18.29 16.49 4.46
C ALA C 208 19.69 16.36 3.89
N VAL C 209 19.80 15.86 2.66
CA VAL C 209 21.10 15.77 1.95
C VAL C 209 21.04 16.70 0.73
N VAL C 210 21.61 17.89 0.91
CA VAL C 210 21.44 18.97 -0.03
C VAL C 210 22.76 19.17 -0.74
N VAL C 211 22.72 19.17 -2.06
CA VAL C 211 23.93 19.04 -2.83
C VAL C 211 23.93 20.00 -4.01
N GLN C 212 24.92 20.89 -4.03
CA GLN C 212 25.09 21.78 -5.14
C GLN C 212 26.57 21.83 -5.48
N ALA C 213 26.84 21.90 -6.78
CA ALA C 213 28.19 21.97 -7.31
C ALA C 213 29.17 21.13 -6.49
N GLY C 214 28.82 19.85 -6.32
CA GLY C 214 29.68 18.89 -5.65
C GLY C 214 29.95 19.12 -4.18
N HIS C 215 29.18 20.01 -3.56
CA HIS C 215 29.21 20.26 -2.10
C HIS C 215 27.93 19.82 -1.38
N VAL C 216 28.10 19.23 -0.20
CA VAL C 216 26.98 18.90 0.69
C VAL C 216 26.88 19.90 1.85
N LEU C 217 25.68 20.42 2.09
CA LEU C 217 25.37 21.26 3.26
C LEU C 217 25.49 20.50 4.59
N MET C 218 26.31 21.02 5.50
CA MET C 218 26.54 20.40 6.81
C MET C 218 26.39 21.40 7.94
N VAL C 219 26.32 20.90 9.16
CA VAL C 219 26.19 21.75 10.34
C VAL C 219 26.97 21.11 11.46
N ARG C 220 27.26 21.92 12.48
CA ARG C 220 27.76 21.37 13.74
C ARG C 220 26.56 21.13 14.64
N ARG C 221 26.50 19.94 15.23
CA ARG C 221 25.41 19.57 16.15
C ARG C 221 25.37 20.55 17.33
N GLN C 222 24.19 21.14 17.52
CA GLN C 222 23.91 22.11 18.57
C GLN C 222 23.38 21.47 19.87
N ALA C 223 22.98 20.20 19.77
CA ALA C 223 22.32 19.51 20.86
C ALA C 223 23.01 18.18 21.11
N LYS C 224 22.94 17.68 22.34
CA LYS C 224 23.49 16.37 22.62
C LYS C 224 22.56 15.31 22.01
N PRO C 225 23.11 14.13 21.65
CA PRO C 225 24.49 13.70 21.71
C PRO C 225 25.33 14.21 20.54
N GLY C 226 26.53 13.63 20.43
CA GLY C 226 27.55 14.07 19.48
C GLY C 226 27.60 15.58 19.27
N LEU C 227 27.55 16.33 20.37
CA LEU C 227 27.58 17.79 20.29
C LEU C 227 28.89 18.28 19.65
N GLY C 228 28.76 19.26 18.75
CA GLY C 228 29.89 19.86 18.07
C GLY C 228 30.44 19.06 16.88
N LEU C 229 29.99 17.81 16.71
CA LEU C 229 30.38 17.03 15.52
C LEU C 229 29.76 17.61 14.24
N ILE C 230 30.33 17.22 13.11
CA ILE C 230 29.79 17.53 11.78
C ILE C 230 28.61 16.60 11.49
N ALA C 231 27.47 17.18 11.09
CA ALA C 231 26.29 16.37 10.72
C ALA C 231 25.43 16.91 9.58
N LEU C 232 24.54 16.05 9.09
CA LEU C 232 23.47 16.48 8.21
C LEU C 232 22.42 17.26 8.99
N PRO C 233 21.77 18.25 8.36
CA PRO C 233 20.60 18.88 9.00
C PRO C 233 19.46 17.87 9.17
N GLY C 234 19.03 17.65 10.40
CA GLY C 234 18.09 16.58 10.66
C GLY C 234 17.45 16.73 12.02
N GLY C 235 16.32 16.06 12.21
CA GLY C 235 15.58 16.14 13.46
C GLY C 235 14.46 15.16 13.60
N PHE C 236 13.78 15.24 14.74
CA PHE C 236 12.65 14.38 15.10
C PHE C 236 11.40 14.86 14.39
N ILE C 237 10.66 13.89 13.85
CA ILE C 237 9.37 14.18 13.23
C ILE C 237 8.40 14.67 14.30
N LYS C 238 7.67 15.71 14.00
CA LYS C 238 6.61 16.17 14.89
C LYS C 238 5.36 15.33 14.63
N GLN C 239 4.41 15.36 15.55
CA GLN C 239 3.25 14.46 15.48
C GLN C 239 2.31 14.69 14.28
N ASN C 240 2.26 15.90 13.75
CA ASN C 240 1.30 16.22 12.72
C ASN C 240 1.89 16.73 11.42
N GLU C 241 3.17 16.52 11.22
CA GLU C 241 3.76 16.83 9.94
C GLU C 241 4.08 15.51 9.20
N THR C 242 3.99 15.56 7.87
CA THR C 242 4.56 14.49 7.03
C THR C 242 6.10 14.47 7.12
N LEU C 243 6.69 13.36 6.69
CA LEU C 243 8.14 13.24 6.66
C LEU C 243 8.77 14.37 5.82
N VAL C 244 8.21 14.59 4.63
CA VAL C 244 8.72 15.66 3.78
C VAL C 244 8.65 17.02 4.48
N GLU C 245 7.49 17.39 5.04
CA GLU C 245 7.42 18.69 5.66
CA GLU C 245 7.31 18.66 5.77
C GLU C 245 8.36 18.79 6.87
N GLY C 246 8.58 17.68 7.58
CA GLY C 246 9.48 17.62 8.71
C GLY C 246 10.92 17.86 8.35
N MET C 247 11.41 17.07 7.39
CA MET C 247 12.71 17.26 6.73
C MET C 247 12.95 18.71 6.32
N LEU C 248 11.98 19.31 5.63
CA LEU C 248 12.10 20.71 5.23
C LEU C 248 12.15 21.70 6.39
N ARG C 249 11.23 21.64 7.37
CA ARG C 249 11.36 22.57 8.51
C ARG C 249 12.69 22.40 9.25
N GLU C 250 13.11 21.17 9.41
CA GLU C 250 14.34 20.89 10.09
C GLU C 250 15.52 21.49 9.32
N LEU C 251 15.49 21.33 8.00
CA LEU C 251 16.50 21.93 7.15
C LEU C 251 16.58 23.44 7.34
N LYS C 252 15.44 24.13 7.24
CA LYS C 252 15.37 25.57 7.49
C LYS C 252 15.80 25.93 8.91
N GLU C 253 15.38 25.16 9.90
CA GLU C 253 15.76 25.49 11.28
C GLU C 253 17.26 25.53 11.42
N GLU C 254 17.92 24.43 11.08
CA GLU C 254 19.34 24.22 11.35
C GLU C 254 20.31 24.95 10.42
N THR C 255 19.83 25.45 9.28
CA THR C 255 20.74 26.05 8.29
C THR C 255 20.23 27.36 7.71
N ARG C 256 18.94 27.61 7.85
CA ARG C 256 18.38 28.88 7.41
C ARG C 256 18.73 29.10 5.93
N LEU C 257 18.93 27.99 5.22
CA LEU C 257 19.18 27.99 3.79
C LEU C 257 18.31 28.99 3.02
N LYS C 258 18.96 29.91 2.32
CA LYS C 258 18.26 30.85 1.46
C LYS C 258 17.78 30.20 0.13
N VAL C 259 16.78 29.32 0.21
CA VAL C 259 16.08 28.80 -0.97
C VAL C 259 14.60 28.66 -0.61
N PRO C 260 13.68 29.21 -1.45
CA PRO C 260 12.22 29.10 -1.18
C PRO C 260 11.76 27.66 -0.94
N LEU C 261 10.85 27.47 0.02
CA LEU C 261 10.34 26.12 0.29
C LEU C 261 9.85 25.40 -0.97
N PRO C 262 9.03 26.07 -1.82
CA PRO C 262 8.55 25.37 -3.03
C PRO C 262 9.63 24.79 -3.97
N VAL C 263 10.74 25.51 -4.11
CA VAL C 263 11.83 25.09 -4.97
C VAL C 263 12.50 23.87 -4.35
N LEU C 264 12.62 23.91 -3.03
CA LEU C 264 13.15 22.79 -2.28
C LEU C 264 12.32 21.52 -2.45
N ARG C 265 10.99 21.61 -2.32
CA ARG C 265 10.10 20.45 -2.56
C ARG C 265 10.41 19.88 -3.94
N GLY C 266 10.44 20.76 -4.94
CA GLY C 266 10.65 20.41 -6.33
C GLY C 266 12.02 19.85 -6.61
N SER C 267 12.99 20.14 -5.77
CA SER C 267 14.31 19.63 -6.03
C SER C 267 14.63 18.29 -5.40
N ILE C 268 13.65 17.69 -4.72
CA ILE C 268 13.87 16.38 -4.09
C ILE C 268 13.98 15.35 -5.22
N VAL C 269 15.10 14.66 -5.33
CA VAL C 269 15.23 13.70 -6.44
C VAL C 269 15.17 12.31 -5.93
N ASP C 270 15.28 12.14 -4.62
CA ASP C 270 15.36 10.77 -4.09
C ASP C 270 15.28 10.78 -2.59
N SER C 271 14.97 9.64 -2.01
CA SER C 271 14.94 9.54 -0.57
C SER C 271 15.33 8.12 -0.21
N HIS C 272 15.92 7.92 0.96
CA HIS C 272 16.21 6.56 1.39
C HIS C 272 16.12 6.47 2.92
N VAL C 273 15.66 5.32 3.40
CA VAL C 273 15.56 5.03 4.82
C VAL C 273 16.79 4.31 5.35
N PHE C 274 17.34 4.83 6.44
CA PHE C 274 18.51 4.24 7.09
C PHE C 274 18.11 3.70 8.45
N ASP C 275 18.27 2.40 8.60
CA ASP C 275 17.63 1.66 9.69
C ASP C 275 18.51 0.66 10.44
N ALA C 276 19.84 0.80 10.38
CA ALA C 276 20.70 -0.10 11.18
C ALA C 276 20.34 0.07 12.66
N PRO C 277 20.06 -1.04 13.36
CA PRO C 277 19.58 -0.98 14.74
C PRO C 277 20.51 -0.19 15.67
N GLY C 278 21.82 -0.26 15.45
CA GLY C 278 22.75 0.42 16.32
C GLY C 278 23.28 1.73 15.80
N ARG C 279 22.56 2.39 14.89
CA ARG C 279 23.10 3.63 14.32
C ARG C 279 23.15 4.77 15.32
N SER C 280 22.17 4.81 16.23
CA SER C 280 22.09 5.88 17.22
C SER C 280 22.20 5.34 18.65
N LEU C 281 22.93 6.06 19.48
CA LEU C 281 23.15 5.59 20.86
C LEU C 281 22.03 5.99 21.80
N ARG C 282 21.10 6.81 21.32
CA ARG C 282 19.95 7.21 22.13
C ARG C 282 18.89 6.10 22.25
N GLY C 283 19.01 5.05 21.48
CA GLY C 283 17.96 4.06 21.29
C GLY C 283 17.67 3.87 19.80
N ARG C 284 16.76 2.95 19.47
CA ARG C 284 16.38 2.68 18.09
C ARG C 284 15.89 3.93 17.37
N THR C 285 16.74 4.51 16.53
CA THR C 285 16.37 5.62 15.67
C THR C 285 16.49 5.26 14.17
N ILE C 286 15.39 5.42 13.46
CA ILE C 286 15.34 5.22 12.02
C ILE C 286 15.24 6.58 11.36
N THR C 287 16.11 6.86 10.39
CA THR C 287 16.01 8.15 9.70
C THR C 287 15.60 8.02 8.23
N HIS C 288 14.87 9.01 7.78
CA HIS C 288 14.45 9.10 6.41
C HIS C 288 15.29 10.20 5.76
N ALA C 289 16.18 9.84 4.85
CA ALA C 289 17.03 10.82 4.14
C ALA C 289 16.44 11.24 2.79
N TYR C 290 16.43 12.54 2.54
CA TYR C 290 15.88 13.10 1.32
C TYR C 290 17.04 13.76 0.67
N PHE C 291 17.23 13.43 -0.61
CA PHE C 291 18.31 13.94 -1.42
C PHE C 291 17.75 15.06 -2.28
N ILE C 292 18.20 16.28 -2.00
CA ILE C 292 17.82 17.47 -2.75
C ILE C 292 19.02 17.87 -3.56
N GLN C 293 18.74 18.22 -4.81
CA GLN C 293 19.75 18.48 -5.81
C GLN C 293 19.43 19.80 -6.43
N LEU C 294 20.22 20.80 -6.09
CA LEU C 294 20.01 22.18 -6.55
C LEU C 294 20.78 22.48 -7.84
N PRO C 295 20.19 23.30 -8.74
CA PRO C 295 20.80 23.67 -10.04
C PRO C 295 22.12 24.39 -9.85
N GLY C 296 22.98 24.34 -10.87
CA GLY C 296 24.31 24.97 -10.80
C GLY C 296 24.29 26.49 -10.56
N GLY C 297 25.44 27.02 -10.17
CA GLY C 297 25.57 28.48 -10.02
C GLY C 297 26.12 28.88 -8.68
N GLU C 298 25.75 30.08 -8.25
CA GLU C 298 26.11 30.61 -6.94
C GLU C 298 25.72 29.62 -5.84
N LEU C 299 26.62 29.34 -4.91
CA LEU C 299 26.25 28.61 -3.70
C LEU C 299 25.36 29.50 -2.84
N PRO C 300 24.22 28.95 -2.39
CA PRO C 300 23.20 29.77 -1.71
C PRO C 300 23.69 30.17 -0.32
N ALA C 301 23.23 31.32 0.15
CA ALA C 301 23.58 31.80 1.49
C ALA C 301 23.01 30.91 2.60
N VAL C 302 23.74 30.85 3.73
CA VAL C 302 23.31 30.16 4.95
C VAL C 302 23.45 31.10 6.18
N LYS C 310 26.61 27.72 12.96
CA LYS C 310 27.46 27.26 11.86
C LYS C 310 26.76 26.25 10.93
N ALA C 311 26.56 26.69 9.68
CA ALA C 311 26.21 25.80 8.56
C ALA C 311 27.14 26.14 7.40
N TRP C 312 27.60 25.12 6.69
CA TRP C 312 28.46 25.39 5.53
C TRP C 312 28.45 24.26 4.51
N TRP C 313 28.68 24.62 3.25
CA TRP C 313 28.88 23.66 2.16
C TRP C 313 30.26 22.99 2.20
N MET C 314 30.28 21.70 1.91
CA MET C 314 31.43 20.88 2.15
C MET C 314 31.57 19.86 1.01
N SER C 315 32.76 19.80 0.42
CA SER C 315 33.02 18.97 -0.77
C SER C 315 33.18 17.54 -0.36
N LEU C 316 33.09 16.63 -1.33
CA LEU C 316 33.26 15.21 -1.03
C LEU C 316 34.69 14.91 -0.53
N ALA C 317 35.62 15.74 -1.00
CA ALA C 317 37.01 15.68 -0.56
C ALA C 317 37.15 16.14 0.89
N ASP C 318 36.53 17.29 1.20
CA ASP C 318 36.50 17.81 2.55
C ASP C 318 35.99 16.73 3.51
N LEU C 319 34.86 16.11 3.15
CA LEU C 319 34.23 15.13 4.02
C LEU C 319 35.17 13.99 4.31
N TYR C 320 35.82 13.47 3.28
CA TYR C 320 36.74 12.33 3.46
C TYR C 320 37.90 12.65 4.40
N ALA C 321 38.42 13.86 4.27
CA ALA C 321 39.48 14.35 5.15
C ALA C 321 39.03 14.42 6.62
N GLN C 322 37.80 14.88 6.83
CA GLN C 322 37.25 15.03 8.18
C GLN C 322 36.27 13.92 8.59
N GLU C 323 36.40 12.72 8.01
CA GLU C 323 35.49 11.61 8.35
C GLU C 323 35.43 11.34 9.85
N GLU C 324 36.54 11.63 10.54
CA GLU C 324 36.71 11.51 11.98
C GLU C 324 35.64 12.30 12.77
N GLN C 325 35.25 13.47 12.27
CA GLN C 325 34.35 14.36 12.96
C GLN C 325 32.88 14.23 12.55
N ILE C 326 32.50 13.13 11.90
CA ILE C 326 31.15 13.01 11.35
C ILE C 326 30.24 12.20 12.25
N TYR C 327 29.06 12.74 12.55
CA TYR C 327 28.16 12.13 13.51
C TYR C 327 27.68 10.76 13.03
N GLU C 328 27.45 9.85 13.97
CA GLU C 328 26.68 8.64 13.70
C GLU C 328 27.05 8.04 12.35
N ASP C 329 26.06 7.87 11.49
CA ASP C 329 26.26 7.20 10.21
C ASP C 329 26.04 8.15 9.04
N HIS C 330 26.07 9.45 9.33
CA HIS C 330 25.85 10.45 8.33
C HIS C 330 26.76 10.38 7.10
N PHE C 331 27.95 9.80 7.24
CA PHE C 331 28.86 9.69 6.12
C PHE C 331 28.34 8.64 5.16
N GLN C 332 27.91 7.50 5.69
CA GLN C 332 27.30 6.48 4.86
C GLN C 332 26.04 6.97 4.15
N ILE C 333 25.32 7.93 4.74
CA ILE C 333 24.11 8.42 4.14
C ILE C 333 24.45 9.24 2.91
N ILE C 334 25.43 10.12 3.07
CA ILE C 334 25.98 10.90 1.97
C ILE C 334 26.49 9.98 0.87
N GLN C 335 27.33 9.03 1.23
CA GLN C 335 27.91 8.11 0.27
C GLN C 335 26.83 7.38 -0.50
N HIS C 336 25.74 7.03 0.15
CA HIS C 336 24.70 6.30 -0.54
C HIS C 336 24.12 7.10 -1.73
N PHE C 337 23.96 8.41 -1.59
CA PHE C 337 23.39 9.22 -2.69
C PHE C 337 24.43 9.63 -3.74
N VAL C 338 25.68 9.52 -3.35
CA VAL C 338 26.79 9.71 -4.24
C VAL C 338 27.36 8.33 -4.66
N SER C 339 27.10 7.90 -5.91
CA SER C 339 27.29 6.49 -6.36
C SER C 339 26.42 5.53 -5.55
#